data_8PK5
#
_entry.id   8PK5
#
_cell.length_a   189.065
_cell.length_b   115.629
_cell.length_c   147.700
_cell.angle_alpha   90.000
_cell.angle_beta   90.000
_cell.angle_gamma   90.000
#
_symmetry.space_group_name_H-M   'P 21 21 2'
#
loop_
_entity.id
_entity.type
_entity.pdbx_description
1 polymer 'Integrator complex subunit 13'
2 polymer 'Integrator complex subunit 14,Zinc finger protein 609'
3 non-polymer 'MAGNESIUM ION'
4 water water
#
loop_
_entity_poly.entity_id
_entity_poly.type
_entity_poly.pdbx_seq_one_letter_code
_entity_poly.pdbx_strand_id
1 'polypeptide(L)'
;GPSDPGPKRAEFMKIFSESHKTVFVVDHCPYMAESCRQHVEFDMLVKNRTQGIIPLAPISKSLWTCSVESSMEYCRIMYD
IFPFKKLVNFIVSDSGAHVLNSWTQEDQNLQELMAALAAVGPPNPRADPECCSILHGLVAAVETLCKITEYQHEARTLLM
ENAERVGNRGRIICITNAKSDSHVRMLEDCVQETIHEHNKLAANSDHLMQIQKCELVLIHTYPVGEDSLVSDRSKKELSP
VLTSEVHSVRAGRHLATKLNILVQQHFDLASTTITNIPMKEEQHANTSANYDVELLHHKDAHVDFLKSGDSHLGGGSREG
SFKETITLKWCTPRTNNIELHYCTGAYRISPVDVNSRPSSCLTNFLLNGRSVLLEQPRKSGSKVISHMLSSHGGEIFLHV
LSSSRSILEDPPSISEGCGGRVTDYRITDFGEFMRENRLTPFLDPRYKIDGSLEVPLERAKDQLEKHTRYWPMIISQTTI
FNMQAVVPLASVIVKESLTEEDVLNCQKTIYNLVDMERKNDPLPISTVGTRGKGPKRDEQYRIMWNELETLVRAHINNSE
KHQRVLECLMACRSKPPEEEERKKRGRKREDKEDKSEKAVKDYEQEKSWQDSERLKGILERGKEELAEAEIIKDSPDSPE
PPNKKPLVEMDETPQVEKSKGPVSLLSLWSNRINTANSRKHQEFAGRLNSVNNRAELYQHLKEENGMETTENGKASRQ
;
A
2 'polypeptide(L)'
;MPTVVVMDVSLSMTRPVSIEGSEEYQRKHLAAHGLTMLFEHMATNYKLEFTALVVFSSLWELMVPFTRDYNTLQEALSNM
DDYDKTCLESALVGVCNIVQQEWGGAIPCQVVLVTDGCLGIGRGSLRHSLATQNQRSESNRFPLPFPFPSKLYIMCMANL
EELQSTDSLECLERLIDLNNGEGQIFTIDGPLCLKNVQSMFGKLIDLAYTPFHAVLKCGHLTADVQVFPRPEPFVVDEEI
DPIPKVINTDLEIVGFIDIADISSPPVLSRHLVLPIALNKEGDEVGTGITDDNEDENSANQIAGKIPNFCVLLHGSLKVE
GMVAIVQLGPEWHGMLYSQADSKKKSNLMMSLFEPGPEPLPWLGKMAQLGPISDAKENPYGEDDNKSPFPLQPKNKRSYA
QNVTVWIKPSGLQTDVQKILRNARKLPEKTQTFYKELNRLRKAALAFGFLDLLKGVADMLERECTLLPETAHPDAAFQLT
HAAQQLKLASTGTSEYAAYDQNITPLHTDFSGSSTERISGSDEWDIGVGNLIIDLDAD
;
B
#
loop_
_chem_comp.id
_chem_comp.type
_chem_comp.name
_chem_comp.formula
MG non-polymer 'MAGNESIUM ION' 'Mg 2'
#
# COMPACT_ATOMS: atom_id res chain seq x y z
N GLU A 11 23.49 9.09 16.94
CA GLU A 11 22.05 8.83 16.96
C GLU A 11 21.51 8.51 15.57
N PHE A 12 20.27 8.04 15.53
CA PHE A 12 19.65 7.57 14.30
C PHE A 12 18.42 8.39 13.98
N MET A 13 18.06 8.43 12.71
CA MET A 13 16.75 8.88 12.27
C MET A 13 16.09 7.71 11.56
N LYS A 14 14.85 7.40 11.93
CA LYS A 14 14.07 6.43 11.18
C LYS A 14 13.09 7.21 10.30
N ILE A 15 11.82 7.24 10.69
CA ILE A 15 10.88 8.21 10.14
C ILE A 15 11.08 9.60 10.73
N PHE A 16 11.95 9.71 11.74
CA PHE A 16 12.37 10.94 12.43
C PHE A 16 13.52 11.63 11.70
N SER A 17 13.42 11.70 10.38
CA SER A 17 14.34 12.50 9.59
C SER A 17 13.91 13.96 9.66
N GLU A 18 14.35 14.76 8.68
CA GLU A 18 13.92 16.15 8.62
C GLU A 18 12.47 16.26 8.17
N SER A 19 11.96 15.28 7.42
CA SER A 19 10.58 15.34 6.95
C SER A 19 9.60 15.44 8.10
N HIS A 20 9.93 14.84 9.24
CA HIS A 20 9.00 14.75 10.36
C HIS A 20 8.50 16.12 10.80
N LYS A 21 9.39 17.10 10.89
CA LYS A 21 9.07 18.41 11.44
C LYS A 21 9.47 19.47 10.43
N THR A 22 8.47 20.14 9.84
CA THR A 22 8.70 21.23 8.91
C THR A 22 8.09 22.50 9.50
N VAL A 23 8.86 23.59 9.53
CA VAL A 23 8.37 24.86 10.09
C VAL A 23 8.38 25.91 8.99
N PHE A 24 7.20 26.43 8.66
CA PHE A 24 7.08 27.59 7.77
C PHE A 24 7.19 28.87 8.58
N VAL A 25 7.94 29.84 8.05
CA VAL A 25 8.02 31.18 8.63
C VAL A 25 7.84 32.16 7.49
N VAL A 26 6.64 32.73 7.38
CA VAL A 26 6.31 33.68 6.32
C VAL A 26 6.27 35.09 6.90
N ASP A 27 6.80 36.03 6.12
CA ASP A 27 6.96 37.40 6.53
C ASP A 27 5.64 38.14 6.39
N HIS A 28 5.21 38.75 7.49
CA HIS A 28 3.97 39.50 7.55
C HIS A 28 4.21 40.98 7.81
N CYS A 29 5.41 41.48 7.54
CA CYS A 29 5.71 42.88 7.77
C CYS A 29 5.04 43.73 6.68
N PRO A 30 4.79 45.01 6.98
CA PRO A 30 4.06 45.86 6.03
C PRO A 30 4.57 45.85 4.60
N TYR A 31 5.86 45.62 4.34
CA TYR A 31 6.30 45.61 2.94
C TYR A 31 5.68 44.46 2.15
N MET A 32 5.32 43.35 2.80
CA MET A 32 4.76 42.21 2.07
C MET A 32 3.44 42.53 1.38
N ALA A 33 2.78 43.62 1.75
CA ALA A 33 1.56 44.00 1.06
C ALA A 33 1.80 44.52 -0.36
N GLU A 34 3.04 44.58 -0.84
CA GLU A 34 3.24 45.13 -2.17
C GLU A 34 2.79 44.15 -3.24
N SER A 35 2.53 44.68 -4.43
CA SER A 35 1.98 43.90 -5.53
C SER A 35 3.05 43.08 -6.23
N CYS A 36 2.79 41.78 -6.40
CA CYS A 36 3.64 40.93 -7.23
C CYS A 36 3.69 41.43 -8.68
N ARG A 37 2.71 42.24 -9.09
CA ARG A 37 2.65 42.86 -10.41
C ARG A 37 2.43 41.85 -11.53
N GLN A 38 2.03 40.64 -11.19
CA GLN A 38 1.60 39.64 -12.17
C GLN A 38 0.08 39.73 -12.22
N HIS A 39 -0.46 40.28 -13.30
CA HIS A 39 -1.89 40.50 -13.39
C HIS A 39 -2.64 39.19 -13.52
N VAL A 40 -3.87 39.17 -13.00
CA VAL A 40 -4.74 38.00 -13.11
C VAL A 40 -6.05 38.41 -13.80
N GLU A 41 -6.49 37.56 -14.73
CA GLU A 41 -7.71 37.79 -15.51
C GLU A 41 -8.84 37.01 -14.86
N PHE A 42 -9.56 37.67 -13.96
CA PHE A 42 -10.69 37.04 -13.27
C PHE A 42 -12.01 37.25 -14.01
N ASP A 43 -11.96 37.81 -15.22
CA ASP A 43 -13.16 38.15 -15.99
C ASP A 43 -12.91 37.67 -17.43
N MET A 44 -13.45 36.49 -17.76
CA MET A 44 -13.39 35.96 -19.13
C MET A 44 -14.70 36.27 -19.83
N LEU A 45 -14.63 37.18 -20.82
CA LEU A 45 -15.79 37.73 -21.52
C LEU A 45 -16.70 38.49 -20.55
N ILE A 53 -18.99 43.82 -23.03
CA ILE A 53 -18.79 45.24 -22.74
C ILE A 53 -17.33 45.50 -22.31
N ILE A 54 -17.15 46.17 -21.18
CA ILE A 54 -15.83 46.58 -20.71
C ILE A 54 -15.43 45.63 -19.58
N PRO A 55 -14.51 44.67 -19.81
CA PRO A 55 -14.09 43.78 -18.72
C PRO A 55 -13.50 44.57 -17.56
N LEU A 56 -13.44 43.91 -16.41
CA LEU A 56 -13.04 44.60 -15.20
C LEU A 56 -11.52 44.73 -15.13
N ALA A 57 -11.08 45.56 -14.20
CA ALA A 57 -9.66 45.87 -14.04
C ALA A 57 -8.88 44.63 -13.59
N PRO A 58 -7.94 44.12 -14.38
CA PRO A 58 -7.17 42.94 -13.97
C PRO A 58 -6.37 43.20 -12.70
N ILE A 59 -6.65 42.43 -11.66
CA ILE A 59 -6.09 42.69 -10.33
C ILE A 59 -4.79 41.91 -10.10
N SER A 60 -4.20 42.05 -8.90
CA SER A 60 -2.95 41.37 -8.56
C SER A 60 -2.89 41.09 -7.07
N LYS A 61 -2.13 40.05 -6.72
CA LYS A 61 -2.01 39.58 -5.35
C LYS A 61 -0.86 40.27 -4.63
N SER A 62 -0.97 40.36 -3.31
CA SER A 62 0.16 40.83 -2.52
C SER A 62 1.25 39.76 -2.44
N LEU A 63 2.50 40.21 -2.29
CA LEU A 63 3.59 39.29 -1.98
C LEU A 63 3.22 38.35 -0.83
N TRP A 64 2.50 38.87 0.17
CA TRP A 64 1.99 38.03 1.25
C TRP A 64 1.09 36.94 0.72
N THR A 65 0.12 37.33 -0.11
CA THR A 65 -0.81 36.35 -0.66
C THR A 65 -0.09 35.28 -1.47
N CYS A 66 0.89 35.69 -2.29
CA CYS A 66 1.65 34.70 -3.06
C CYS A 66 2.34 33.71 -2.16
N SER A 67 2.90 34.19 -1.05
CA SER A 67 3.64 33.29 -0.15
C SER A 67 2.69 32.34 0.55
N VAL A 68 1.53 32.83 0.98
CA VAL A 68 0.58 31.96 1.69
C VAL A 68 -0.05 30.95 0.73
N GLU A 69 -0.27 31.33 -0.53
CA GLU A 69 -0.73 30.37 -1.55
C GLU A 69 0.28 29.26 -1.75
N SER A 70 1.54 29.63 -2.02
CA SER A 70 2.54 28.62 -2.34
C SER A 70 2.75 27.68 -1.16
N SER A 71 2.80 28.22 0.05
CA SER A 71 3.04 27.35 1.21
C SER A 71 1.84 26.48 1.53
N MET A 72 0.60 26.96 1.29
CA MET A 72 -0.56 26.11 1.52
C MET A 72 -0.64 24.98 0.51
N GLU A 73 -0.26 25.23 -0.75
CA GLU A 73 -0.28 24.17 -1.76
C GLU A 73 0.77 23.10 -1.47
N TYR A 74 1.95 23.52 -1.03
CA TYR A 74 2.94 22.58 -0.49
C TYR A 74 2.32 21.74 0.62
N CYS A 75 1.59 22.38 1.55
CA CYS A 75 1.00 21.63 2.64
C CYS A 75 -0.12 20.71 2.18
N ARG A 76 -0.82 21.07 1.10
CA ARG A 76 -1.86 20.19 0.60
C ARG A 76 -1.26 18.90 0.05
N ILE A 77 -0.27 19.04 -0.83
CA ILE A 77 0.36 17.89 -1.43
C ILE A 77 0.93 16.98 -0.35
N MET A 78 1.66 17.56 0.61
CA MET A 78 2.21 16.74 1.67
C MET A 78 1.12 16.02 2.44
N TYR A 79 0.08 16.74 2.85
CA TYR A 79 -0.96 16.13 3.69
C TYR A 79 -1.68 15.00 2.96
N ASP A 80 -1.74 15.03 1.63
CA ASP A 80 -2.42 13.95 0.92
C ASP A 80 -1.55 12.71 0.91
N ILE A 81 -0.28 12.89 0.52
CA ILE A 81 0.65 11.77 0.40
C ILE A 81 1.06 11.25 1.77
N PHE A 82 1.04 12.10 2.80
CA PHE A 82 1.46 11.69 4.14
C PHE A 82 0.46 12.18 5.17
N PRO A 83 -0.69 11.53 5.27
CA PRO A 83 -1.68 11.94 6.28
C PRO A 83 -1.24 11.66 7.71
N PHE A 84 -0.15 10.94 7.92
CA PHE A 84 0.33 10.70 9.27
C PHE A 84 1.83 10.90 9.34
N LYS A 85 2.30 11.30 10.53
CA LYS A 85 3.71 11.31 10.92
C LYS A 85 4.58 12.35 10.21
N LYS A 86 4.04 13.18 9.32
CA LYS A 86 4.76 14.30 8.73
C LYS A 86 4.07 15.60 9.14
N LEU A 87 4.75 16.40 9.96
CA LEU A 87 4.13 17.49 10.68
C LEU A 87 4.69 18.84 10.24
N VAL A 88 3.91 19.88 10.53
CA VAL A 88 4.14 21.26 10.11
C VAL A 88 3.73 22.18 11.25
N ASN A 89 4.59 23.14 11.56
CA ASN A 89 4.23 24.33 12.33
C ASN A 89 4.30 25.52 11.39
N PHE A 90 3.21 26.27 11.32
CA PHE A 90 3.11 27.44 10.44
C PHE A 90 3.22 28.72 11.28
N ILE A 91 4.28 29.50 11.06
CA ILE A 91 4.56 30.70 11.85
C ILE A 91 4.55 31.92 10.96
N VAL A 92 3.85 32.97 11.39
CA VAL A 92 3.92 34.27 10.73
C VAL A 92 4.71 35.22 11.61
N SER A 93 5.50 36.09 10.99
CA SER A 93 6.39 36.98 11.73
C SER A 93 6.19 38.41 11.27
N ASP A 94 5.85 39.29 12.22
CA ASP A 94 5.83 40.73 11.95
C ASP A 94 6.59 41.44 13.06
N SER A 95 5.88 42.14 13.95
CA SER A 95 6.48 42.62 15.18
C SER A 95 6.68 41.49 16.19
N GLY A 96 6.00 40.37 16.04
CA GLY A 96 6.26 39.22 16.87
C GLY A 96 6.00 37.98 16.06
N ALA A 97 6.28 36.83 16.65
CA ALA A 97 5.95 35.56 16.01
C ALA A 97 4.58 35.09 16.44
N HIS A 98 3.88 34.43 15.51
CA HIS A 98 2.58 33.82 15.80
C HIS A 98 2.58 32.44 15.18
N VAL A 99 2.54 31.40 16.02
CA VAL A 99 2.51 30.03 15.52
C VAL A 99 1.05 29.60 15.42
N LEU A 100 0.59 29.36 14.20
CA LEU A 100 -0.83 29.17 13.95
C LEU A 100 -1.31 27.77 14.32
N ASN A 101 -0.42 26.82 14.59
CA ASN A 101 -0.82 25.47 14.97
C ASN A 101 0.31 24.83 15.79
N SER A 102 0.15 23.55 16.12
CA SER A 102 1.15 22.87 16.93
C SER A 102 1.64 21.61 16.24
N TRP A 103 2.41 20.77 16.95
CA TRP A 103 2.92 19.57 16.32
C TRP A 103 1.91 18.43 16.29
N THR A 104 0.85 18.53 17.08
CA THR A 104 -0.08 17.39 17.17
C THR A 104 -0.67 17.08 15.81
N GLN A 105 -0.97 15.79 15.59
CA GLN A 105 -1.51 15.41 14.28
C GLN A 105 -2.88 15.99 14.09
N GLU A 106 -3.62 16.15 15.19
CA GLU A 106 -4.91 16.82 15.14
C GLU A 106 -4.77 18.20 14.50
N ASP A 107 -3.79 18.98 14.95
CA ASP A 107 -3.57 20.33 14.44
C ASP A 107 -2.94 20.36 13.05
N GLN A 108 -2.78 19.22 12.38
CA GLN A 108 -2.28 19.24 11.01
C GLN A 108 -3.42 19.34 10.00
N ASN A 109 -4.28 20.34 10.17
CA ASN A 109 -5.51 20.48 9.39
C ASN A 109 -5.50 21.75 8.54
N LEU A 110 -5.55 21.59 7.21
CA LEU A 110 -5.51 22.75 6.32
C LEU A 110 -6.60 23.77 6.62
N GLN A 111 -7.81 23.31 6.93
CA GLN A 111 -8.92 24.24 7.12
C GLN A 111 -8.67 25.16 8.30
N GLU A 112 -8.25 24.60 9.44
CA GLU A 112 -7.99 25.46 10.59
C GLU A 112 -6.90 26.49 10.29
N LEU A 113 -5.93 26.11 9.45
CA LEU A 113 -4.88 27.02 9.02
C LEU A 113 -5.45 28.19 8.20
N MET A 114 -6.32 27.89 7.24
CA MET A 114 -6.94 28.98 6.47
C MET A 114 -7.66 29.96 7.38
N ALA A 115 -8.24 29.46 8.47
CA ALA A 115 -8.92 30.36 9.39
C ALA A 115 -7.90 31.22 10.15
N ALA A 116 -6.84 30.60 10.66
CA ALA A 116 -5.78 31.36 11.33
C ALA A 116 -5.20 32.44 10.43
N LEU A 117 -4.91 32.08 9.17
CA LEU A 117 -4.35 33.03 8.21
C LEU A 117 -5.32 34.18 7.93
N ALA A 118 -6.62 33.86 7.81
CA ALA A 118 -7.61 34.91 7.66
C ALA A 118 -7.62 35.83 8.87
N ALA A 119 -7.32 35.30 10.06
CA ALA A 119 -7.40 36.14 11.25
C ALA A 119 -6.17 37.02 11.44
N VAL A 120 -4.99 36.59 10.99
CA VAL A 120 -3.87 37.53 10.99
C VAL A 120 -4.09 38.56 9.87
N GLY A 121 -4.70 38.15 8.77
CA GLY A 121 -5.11 39.09 7.75
C GLY A 121 -3.95 39.51 6.86
N PRO A 122 -4.21 40.42 5.93
CA PRO A 122 -3.13 40.93 5.10
C PRO A 122 -2.30 41.92 5.88
N PRO A 123 -1.03 42.08 5.55
CA PRO A 123 -0.21 43.07 6.23
C PRO A 123 -0.77 44.46 5.99
N ASN A 124 -0.64 45.31 7.01
CA ASN A 124 -1.08 46.70 6.93
C ASN A 124 -0.01 47.55 6.26
N PRO A 125 -0.26 48.08 5.06
CA PRO A 125 0.78 48.89 4.41
C PRO A 125 1.09 50.17 5.17
N ARG A 126 0.06 50.89 5.61
CA ARG A 126 0.22 52.13 6.38
C ARG A 126 0.35 51.87 7.88
N ALA A 127 1.07 50.83 8.28
CA ALA A 127 1.41 50.60 9.67
C ALA A 127 2.91 50.72 9.85
N ASP A 128 3.31 51.07 11.07
CA ASP A 128 4.72 51.09 11.47
C ASP A 128 4.85 50.26 12.75
N PRO A 129 4.68 48.94 12.65
CA PRO A 129 4.86 48.10 13.84
C PRO A 129 6.29 48.22 14.33
N GLU A 130 6.43 48.65 15.58
CA GLU A 130 7.75 48.84 16.15
C GLU A 130 8.45 47.48 16.21
N CYS A 131 9.69 47.45 15.72
CA CYS A 131 10.58 46.31 15.90
C CYS A 131 9.99 45.08 15.25
N CYS A 132 9.76 45.18 13.93
CA CYS A 132 9.22 44.08 13.16
C CYS A 132 10.26 43.61 12.15
N SER A 133 10.35 42.29 12.01
CA SER A 133 11.33 41.64 11.15
C SER A 133 11.04 40.16 11.12
N ILE A 134 11.59 39.51 10.09
CA ILE A 134 11.44 38.07 9.96
C ILE A 134 12.12 37.33 11.10
N LEU A 135 13.06 37.99 11.80
CA LEU A 135 13.86 37.31 12.82
C LEU A 135 13.02 36.77 13.97
N HIS A 136 11.90 37.45 14.30
CA HIS A 136 11.03 36.98 15.38
C HIS A 136 10.59 35.54 15.15
N GLY A 137 10.17 35.23 13.93
CA GLY A 137 9.65 33.90 13.63
C GLY A 137 10.75 32.90 13.44
N LEU A 138 11.92 33.35 12.98
CA LEU A 138 13.06 32.44 12.84
C LEU A 138 13.50 31.91 14.19
N VAL A 139 13.46 32.75 15.22
CA VAL A 139 13.71 32.24 16.57
C VAL A 139 12.62 31.24 16.95
N ALA A 140 11.37 31.66 16.79
CA ALA A 140 10.23 30.77 17.07
C ALA A 140 10.37 29.43 16.36
N ALA A 141 10.82 29.45 15.10
CA ALA A 141 11.08 28.19 14.39
C ALA A 141 12.09 27.34 15.15
N VAL A 142 13.21 27.94 15.55
CA VAL A 142 14.22 27.18 16.28
C VAL A 142 13.68 26.69 17.61
N GLU A 143 12.82 27.49 18.26
CA GLU A 143 12.29 27.05 19.54
C GLU A 143 11.34 25.85 19.39
N THR A 144 10.40 25.90 18.42
CA THR A 144 9.43 24.80 18.35
C THR A 144 10.09 23.51 17.87
N LEU A 145 11.11 23.61 17.02
CA LEU A 145 11.87 22.42 16.64
C LEU A 145 12.40 21.65 17.85
N CYS A 146 12.45 22.28 19.03
CA CYS A 146 12.92 21.61 20.22
C CYS A 146 11.81 21.03 21.08
N LYS A 147 10.55 21.35 20.78
CA LYS A 147 9.43 20.74 21.47
C LYS A 147 9.18 19.36 20.88
N ILE A 148 8.85 18.39 21.73
CA ILE A 148 8.69 17.01 21.27
C ILE A 148 7.33 16.87 20.58
N THR A 149 7.33 16.21 19.42
CA THR A 149 6.08 15.79 18.79
C THR A 149 5.45 14.65 19.58
N GLU A 150 4.26 14.22 19.16
CA GLU A 150 3.63 13.08 19.80
C GLU A 150 4.34 11.79 19.44
N TYR A 151 4.70 11.64 18.16
CA TYR A 151 5.45 10.46 17.74
C TYR A 151 6.85 10.44 18.36
N GLN A 152 7.49 11.61 18.48
CA GLN A 152 8.77 11.68 19.18
C GLN A 152 8.61 11.27 20.63
N HIS A 153 7.62 11.85 21.30
CA HIS A 153 7.38 11.50 22.70
C HIS A 153 7.04 10.03 22.87
N GLU A 154 6.33 9.46 21.90
CA GLU A 154 6.01 8.04 21.97
C GLU A 154 7.27 7.18 21.84
N ALA A 155 8.18 7.55 20.94
CA ALA A 155 9.35 6.72 20.70
C ALA A 155 10.34 6.81 21.85
N ARG A 156 10.50 8.00 22.44
CA ARG A 156 11.31 8.12 23.64
C ARG A 156 10.77 7.25 24.77
N THR A 157 9.45 7.26 24.96
CA THR A 157 8.83 6.50 26.05
C THR A 157 8.87 5.00 25.79
N LEU A 158 9.01 4.56 24.54
CA LEU A 158 9.17 3.15 24.23
C LEU A 158 10.63 2.73 24.19
N LEU A 159 11.50 3.55 23.58
CA LEU A 159 12.91 3.21 23.53
C LEU A 159 13.60 3.32 24.89
N MET A 160 12.90 3.86 25.90
CA MET A 160 13.41 3.94 27.26
C MET A 160 14.71 4.73 27.35
N GLU A 161 15.44 4.57 28.46
CA GLU A 161 16.85 4.93 28.51
C GLU A 161 17.72 3.90 27.81
N ASN A 162 17.14 2.77 27.39
CA ASN A 162 17.81 1.83 26.50
C ASN A 162 18.09 2.44 25.13
N ALA A 163 17.46 3.58 24.83
CA ALA A 163 17.86 4.42 23.72
C ALA A 163 17.72 5.88 24.10
N GLU A 164 16.52 6.46 23.89
CA GLU A 164 16.35 7.91 23.98
C GLU A 164 17.46 8.62 23.21
N ARG A 165 17.93 7.95 22.16
CA ARG A 165 18.71 8.55 21.08
C ARG A 165 17.85 8.72 19.84
N VAL A 166 16.52 8.85 20.02
CA VAL A 166 15.66 9.18 18.89
C VAL A 166 16.16 10.47 18.26
N GLY A 167 16.26 10.47 16.93
CA GLY A 167 16.73 11.66 16.26
C GLY A 167 15.72 12.78 16.34
N ASN A 168 16.22 14.01 16.26
CA ASN A 168 15.34 15.18 16.21
C ASN A 168 15.93 16.12 15.17
N ARG A 169 15.37 16.08 13.97
CA ARG A 169 15.81 16.85 12.83
C ARG A 169 14.58 17.51 12.24
N GLY A 170 14.78 18.68 11.65
CA GLY A 170 13.68 19.47 11.15
C GLY A 170 14.14 20.28 9.97
N ARG A 171 13.18 21.01 9.38
CA ARG A 171 13.44 21.87 8.25
C ARG A 171 12.71 23.19 8.51
N ILE A 172 13.35 24.31 8.15
CA ILE A 172 12.75 25.64 8.28
C ILE A 172 12.71 26.27 6.90
N ILE A 173 11.49 26.50 6.40
CA ILE A 173 11.26 27.15 5.12
C ILE A 173 10.82 28.57 5.42
N CYS A 174 11.56 29.55 4.91
CA CYS A 174 11.36 30.95 5.21
C CYS A 174 11.08 31.71 3.92
N ILE A 175 9.89 32.25 3.79
CA ILE A 175 9.56 33.12 2.68
C ILE A 175 9.52 34.54 3.21
N THR A 176 10.28 35.42 2.56
CA THR A 176 10.48 36.79 3.03
C THR A 176 10.86 37.66 1.84
N ASN A 177 11.01 38.95 2.09
CA ASN A 177 11.58 39.87 1.11
C ASN A 177 12.88 40.38 1.73
N ALA A 178 14.00 39.84 1.25
CA ALA A 178 15.27 40.23 1.84
C ALA A 178 15.77 41.52 1.21
N LYS A 179 16.69 42.17 1.92
CA LYS A 179 17.23 43.44 1.44
C LYS A 179 18.43 43.23 0.53
N SER A 180 19.36 42.37 0.90
CA SER A 180 20.58 42.18 0.12
C SER A 180 21.18 40.84 0.50
N ASP A 181 22.21 40.45 -0.25
CA ASP A 181 22.94 39.24 0.08
C ASP A 181 23.55 39.35 1.48
N SER A 182 24.07 40.53 1.81
CA SER A 182 24.53 40.81 3.16
C SER A 182 23.42 40.53 4.17
N HIS A 183 22.23 41.06 3.90
CA HIS A 183 21.11 40.90 4.83
C HIS A 183 20.77 39.43 5.05
N VAL A 184 20.75 38.64 3.97
CA VAL A 184 20.37 37.23 4.07
C VAL A 184 21.38 36.48 4.92
N ARG A 185 22.66 36.85 4.81
CA ARG A 185 23.66 36.16 5.60
C ARG A 185 23.49 36.47 7.09
N MET A 186 23.07 37.68 7.44
CA MET A 186 22.79 37.97 8.85
C MET A 186 21.72 37.07 9.40
N LEU A 187 20.70 36.75 8.59
CA LEU A 187 19.66 35.84 9.04
C LEU A 187 20.21 34.44 9.29
N GLU A 188 21.03 33.93 8.38
CA GLU A 188 21.64 32.61 8.59
C GLU A 188 22.39 32.57 9.92
N ASP A 189 23.21 33.59 10.16
CA ASP A 189 24.00 33.64 11.39
C ASP A 189 23.12 33.73 12.62
N CYS A 190 21.98 34.43 12.54
CA CYS A 190 21.10 34.52 13.72
C CYS A 190 20.48 33.16 14.03
N VAL A 191 19.99 32.46 12.99
CA VAL A 191 19.53 31.09 13.17
C VAL A 191 20.66 30.23 13.71
N GLN A 192 21.86 30.39 13.17
CA GLN A 192 22.98 29.55 13.58
C GLN A 192 23.28 29.71 15.06
N GLU A 193 23.30 30.95 15.55
CA GLU A 193 23.57 31.15 16.97
C GLU A 193 22.38 30.73 17.82
N THR A 194 21.16 30.93 17.31
CA THR A 194 19.98 30.58 18.10
C THR A 194 19.87 29.09 18.31
N ILE A 195 20.18 28.30 17.29
CA ILE A 195 20.21 26.85 17.46
C ILE A 195 21.25 26.47 18.49
N HIS A 196 22.40 27.15 18.43
CA HIS A 196 23.48 26.80 19.34
C HIS A 196 23.13 27.12 20.79
N GLU A 197 22.52 28.28 21.03
CA GLU A 197 22.19 28.64 22.40
C GLU A 197 21.00 27.85 22.91
N HIS A 198 20.00 27.64 22.06
CA HIS A 198 18.81 26.97 22.56
C HIS A 198 19.07 25.50 22.83
N ASN A 199 19.95 24.87 22.03
CA ASN A 199 20.28 23.47 22.26
C ASN A 199 20.79 23.25 23.68
N LYS A 200 21.51 24.22 24.24
CA LYS A 200 21.93 24.10 25.62
C LYS A 200 20.72 24.02 26.56
N LEU A 201 19.66 24.76 26.25
CA LEU A 201 18.49 24.70 27.10
C LEU A 201 17.78 23.37 26.94
N ALA A 202 17.58 22.93 25.70
CA ALA A 202 16.97 21.63 25.41
C ALA A 202 17.76 20.49 26.05
N ALA A 203 19.06 20.69 26.28
CA ALA A 203 19.86 19.67 26.91
C ALA A 203 19.47 19.49 28.37
N ASN A 204 19.51 20.57 29.15
CA ASN A 204 19.12 20.47 30.54
C ASN A 204 17.62 20.62 30.69
N SER A 205 16.88 20.26 29.64
CA SER A 205 15.42 20.24 29.68
C SER A 205 14.93 18.84 29.36
N ASP A 206 13.97 18.37 30.14
CA ASP A 206 13.39 17.05 29.96
C ASP A 206 12.25 17.05 28.96
N HIS A 207 11.50 18.14 28.89
CA HIS A 207 10.39 18.28 27.96
C HIS A 207 10.82 18.76 26.59
N LEU A 208 12.12 18.96 26.37
CA LEU A 208 12.62 19.48 25.12
C LEU A 208 13.77 18.62 24.61
N MET A 209 13.87 18.53 23.29
CA MET A 209 14.94 17.80 22.64
C MET A 209 15.80 18.77 21.85
N GLN A 210 17.11 18.54 21.91
CA GLN A 210 18.05 19.27 21.08
C GLN A 210 17.81 18.99 19.61
N ILE A 211 18.26 19.92 18.78
CA ILE A 211 18.12 19.82 17.34
C ILE A 211 19.39 19.17 16.83
N GLN A 212 19.31 17.94 16.34
CA GLN A 212 20.50 17.25 15.87
C GLN A 212 20.85 17.63 14.44
N LYS A 213 19.87 17.93 13.60
CA LYS A 213 20.20 18.52 12.32
C LYS A 213 19.04 19.42 11.90
N CYS A 214 19.37 20.52 11.25
CA CYS A 214 18.36 21.42 10.75
C CYS A 214 18.77 21.86 9.35
N GLU A 215 17.82 21.81 8.42
CA GLU A 215 18.01 22.36 7.08
C GLU A 215 17.21 23.65 6.95
N LEU A 216 17.87 24.73 6.54
CA LEU A 216 17.23 26.03 6.40
C LEU A 216 17.10 26.39 4.92
N VAL A 217 15.88 26.66 4.48
CA VAL A 217 15.61 27.07 3.11
C VAL A 217 15.14 28.52 3.15
N LEU A 218 15.96 29.42 2.60
CA LEU A 218 15.67 30.85 2.56
C LEU A 218 15.18 31.22 1.17
N ILE A 219 13.88 31.53 1.07
CA ILE A 219 13.24 31.88 -0.20
C ILE A 219 12.99 33.37 -0.18
N HIS A 220 13.77 34.08 -0.98
CA HIS A 220 13.56 35.49 -1.25
C HIS A 220 12.62 35.62 -2.44
N THR A 221 11.53 36.35 -2.25
CA THR A 221 10.56 36.53 -3.32
C THR A 221 10.34 38.02 -3.51
N TYR A 222 10.13 38.42 -4.77
CA TYR A 222 10.13 39.81 -5.17
C TYR A 222 9.17 39.98 -6.33
N PRO A 223 8.61 41.18 -6.52
CA PRO A 223 7.64 41.39 -7.60
C PRO A 223 8.27 41.18 -8.98
N VAL A 224 7.44 40.69 -9.91
CA VAL A 224 7.87 40.59 -11.30
C VAL A 224 8.28 41.99 -11.76
N GLY A 225 9.22 42.04 -12.69
CA GLY A 225 9.68 43.29 -13.24
C GLY A 225 10.88 43.89 -12.54
N GLU A 226 11.10 43.56 -11.27
CA GLU A 226 12.31 43.96 -10.57
C GLU A 226 13.42 42.93 -10.79
N ASP A 227 14.65 43.35 -10.52
CA ASP A 227 15.78 42.43 -10.45
C ASP A 227 16.11 42.21 -8.99
N SER A 228 16.08 40.96 -8.54
CA SER A 228 16.26 40.70 -7.11
C SER A 228 17.58 41.28 -6.66
N LEU A 229 17.60 41.77 -5.42
CA LEU A 229 18.84 42.17 -4.78
C LEU A 229 19.56 40.99 -4.13
N VAL A 230 18.89 39.83 -4.11
CA VAL A 230 19.40 38.60 -3.52
C VAL A 230 19.66 37.61 -4.65
N SER A 231 20.79 36.91 -4.57
CA SER A 231 21.15 35.88 -5.52
C SER A 231 21.05 34.51 -4.87
N ASP A 232 20.70 33.51 -5.68
CA ASP A 232 20.68 32.13 -5.22
C ASP A 232 22.02 31.75 -4.59
N ARG A 233 21.97 31.02 -3.47
CA ARG A 233 23.18 30.47 -2.89
C ARG A 233 22.98 28.99 -2.58
N SER A 234 23.83 28.16 -3.16
CA SER A 234 23.73 26.71 -3.01
C SER A 234 23.89 26.32 -1.54
N LYS A 235 23.44 25.11 -1.24
CA LYS A 235 23.50 24.60 0.12
C LYS A 235 24.90 24.71 0.72
N LYS A 236 24.98 25.22 1.95
CA LYS A 236 26.23 25.45 2.64
C LYS A 236 26.09 24.99 4.08
N GLU A 237 27.14 24.37 4.60
CA GLU A 237 27.14 23.84 5.96
C GLU A 237 27.60 24.97 6.88
N LEU A 238 26.66 25.58 7.58
CA LEU A 238 27.03 26.63 8.51
C LEU A 238 27.46 26.11 9.87
N SER A 239 27.05 24.91 10.22
CA SER A 239 27.08 24.41 11.58
C SER A 239 27.08 22.90 11.52
N PRO A 240 27.63 22.21 12.52
CA PRO A 240 27.41 20.76 12.58
C PRO A 240 25.94 20.40 12.56
N VAL A 241 25.07 21.27 13.08
CA VAL A 241 23.64 21.07 13.10
C VAL A 241 22.96 21.64 11.87
N LEU A 242 23.43 22.77 11.37
CA LEU A 242 22.64 23.60 10.47
C LEU A 242 23.25 23.64 9.07
N THR A 243 22.43 23.33 8.08
CA THR A 243 22.74 23.54 6.68
C THR A 243 21.80 24.61 6.13
N SER A 244 22.25 25.37 5.13
CA SER A 244 21.44 26.48 4.66
C SER A 244 21.63 26.74 3.17
N GLU A 245 20.53 27.14 2.53
CA GLU A 245 20.49 27.46 1.10
C GLU A 245 19.56 28.65 0.89
N VAL A 246 19.70 29.30 -0.27
CA VAL A 246 19.04 30.56 -0.55
C VAL A 246 18.57 30.58 -2.00
N HIS A 247 17.27 30.82 -2.21
CA HIS A 247 16.68 30.93 -3.53
C HIS A 247 16.17 32.35 -3.76
N SER A 248 16.42 32.88 -4.96
CA SER A 248 15.75 34.06 -5.46
C SER A 248 14.74 33.63 -6.51
N VAL A 249 13.53 34.14 -6.41
CA VAL A 249 12.44 33.68 -7.27
C VAL A 249 11.37 34.76 -7.28
N ARG A 250 10.86 35.07 -8.47
CA ARG A 250 9.80 36.06 -8.58
C ARG A 250 8.54 35.54 -7.90
N ALA A 251 7.76 36.47 -7.34
CA ALA A 251 6.48 36.06 -6.79
C ALA A 251 5.54 35.60 -7.91
N GLY A 252 4.37 35.13 -7.52
CA GLY A 252 3.42 34.64 -8.49
C GLY A 252 3.71 33.19 -8.84
N ARG A 253 3.74 32.91 -10.14
CA ARG A 253 3.81 31.53 -10.60
C ARG A 253 5.19 30.94 -10.41
N HIS A 254 6.23 31.78 -10.41
CA HIS A 254 7.56 31.26 -10.18
C HIS A 254 7.75 30.81 -8.73
N LEU A 255 7.22 31.59 -7.77
CA LEU A 255 7.31 31.14 -6.38
C LEU A 255 6.54 29.85 -6.20
N ALA A 256 5.39 29.74 -6.86
CA ALA A 256 4.58 28.54 -6.78
C ALA A 256 5.32 27.33 -7.34
N THR A 257 5.96 27.51 -8.51
CA THR A 257 6.73 26.42 -9.10
C THR A 257 7.88 26.01 -8.20
N LYS A 258 8.49 26.98 -7.50
CA LYS A 258 9.62 26.68 -6.64
C LYS A 258 9.19 25.77 -5.49
N LEU A 259 8.12 26.14 -4.79
CA LEU A 259 7.65 25.28 -3.71
C LEU A 259 7.12 23.94 -4.19
N ASN A 260 6.74 23.83 -5.46
CA ASN A 260 6.35 22.52 -5.97
C ASN A 260 7.56 21.64 -6.16
N ILE A 261 8.63 22.20 -6.72
CA ILE A 261 9.90 21.50 -6.81
C ILE A 261 10.40 21.12 -5.42
N LEU A 262 10.23 22.02 -4.45
CA LEU A 262 10.77 21.79 -3.11
C LEU A 262 10.01 20.70 -2.37
N VAL A 263 8.68 20.63 -2.53
CA VAL A 263 7.91 19.60 -1.83
C VAL A 263 8.31 18.21 -2.33
N GLN A 264 8.61 18.11 -3.63
CA GLN A 264 9.03 16.84 -4.19
C GLN A 264 10.40 16.43 -3.67
N GLN A 265 11.29 17.40 -3.47
CA GLN A 265 12.61 17.09 -2.95
C GLN A 265 12.59 16.78 -1.46
N HIS A 266 11.83 17.55 -0.67
CA HIS A 266 11.81 17.31 0.76
C HIS A 266 11.14 16.00 1.15
N PHE A 267 10.33 15.38 0.28
CA PHE A 267 9.56 14.22 0.69
C PHE A 267 9.76 13.00 -0.21
N ASP A 268 10.69 13.05 -1.15
CA ASP A 268 11.03 11.93 -2.02
C ASP A 268 9.83 11.55 -2.89
N LEU A 269 9.26 12.56 -3.54
CA LEU A 269 8.14 12.34 -4.43
C LEU A 269 8.59 12.32 -5.88
N ALA A 270 7.88 11.53 -6.69
CA ALA A 270 8.01 11.52 -8.13
C ALA A 270 6.69 11.97 -8.76
N SER A 271 6.74 12.27 -10.05
CA SER A 271 5.56 12.68 -10.80
C SER A 271 5.17 11.59 -11.79
N THR A 272 3.86 11.35 -11.90
CA THR A 272 3.29 10.47 -12.92
C THR A 272 2.17 11.24 -13.60
N THR A 273 2.21 11.31 -14.93
CA THR A 273 1.10 11.84 -15.70
C THR A 273 0.40 10.68 -16.38
N ILE A 274 -0.90 10.55 -16.10
CA ILE A 274 -1.74 9.57 -16.79
C ILE A 274 -2.17 10.17 -18.12
N THR A 275 -1.80 9.51 -19.21
CA THR A 275 -1.97 10.05 -20.55
C THR A 275 -3.08 9.32 -21.29
N ASN A 276 -3.73 10.04 -22.20
CA ASN A 276 -4.80 9.52 -23.07
C ASN A 276 -6.04 9.10 -22.30
N ILE A 277 -6.47 9.93 -21.37
CA ILE A 277 -7.73 9.64 -20.69
C ILE A 277 -8.83 10.16 -21.61
N PRO A 278 -9.66 9.28 -22.19
CA PRO A 278 -10.73 9.75 -23.07
C PRO A 278 -11.86 10.35 -22.24
N MET A 279 -12.09 11.65 -22.40
CA MET A 279 -13.13 12.36 -21.66
C MET A 279 -14.06 13.07 -22.63
N LYS A 280 -15.14 13.65 -22.08
CA LYS A 280 -16.12 14.37 -22.89
C LYS A 280 -17.08 15.10 -21.96
N GLU A 281 -17.87 16.00 -22.55
CA GLU A 281 -18.88 16.75 -21.82
C GLU A 281 -20.21 16.06 -22.03
N GLU A 282 -20.93 15.83 -20.94
CA GLU A 282 -22.21 15.11 -21.07
C GLU A 282 -23.21 15.92 -21.91
N GLN A 283 -23.20 17.24 -21.79
CA GLN A 283 -24.12 18.13 -22.53
C GLN A 283 -23.44 18.71 -23.76
N HIS A 284 -23.02 17.80 -24.65
CA HIS A 284 -22.36 18.14 -25.91
C HIS A 284 -22.40 16.90 -26.81
N ALA A 285 -21.71 16.97 -27.94
CA ALA A 285 -21.66 15.87 -28.91
C ALA A 285 -20.23 15.59 -29.33
N ASN A 286 -19.66 16.50 -30.13
CA ASN A 286 -18.25 16.39 -30.51
C ASN A 286 -17.28 16.63 -29.33
N THR A 287 -17.77 16.63 -28.08
CA THR A 287 -16.92 16.92 -26.93
C THR A 287 -15.87 15.83 -26.67
N SER A 288 -15.96 14.68 -27.33
CA SER A 288 -15.00 13.59 -27.11
C SER A 288 -13.58 14.06 -27.35
N ALA A 289 -12.70 13.80 -26.38
CA ALA A 289 -11.31 14.27 -26.43
C ALA A 289 -10.46 13.46 -25.46
N ASN A 290 -9.15 13.57 -25.65
CA ASN A 290 -8.17 12.86 -24.82
C ASN A 290 -7.46 13.84 -23.91
N TYR A 291 -7.24 13.45 -22.65
CA TYR A 291 -6.67 14.35 -21.66
C TYR A 291 -5.57 13.67 -20.85
N ASP A 292 -4.79 14.50 -20.16
CA ASP A 292 -3.64 14.08 -19.36
C ASP A 292 -3.72 14.69 -17.97
N VAL A 293 -3.49 13.87 -16.95
CA VAL A 293 -3.52 14.30 -15.55
C VAL A 293 -2.22 13.87 -14.87
N GLU A 294 -1.68 14.76 -14.02
CA GLU A 294 -0.38 14.58 -13.38
C GLU A 294 -0.57 14.40 -11.88
N LEU A 295 0.03 13.35 -11.33
CA LEU A 295 -0.12 13.01 -9.91
C LEU A 295 1.25 13.00 -9.23
N LEU A 296 1.25 13.28 -7.93
CA LEU A 296 2.43 13.14 -7.10
C LEU A 296 2.22 11.98 -6.12
N HIS A 297 3.32 11.29 -5.82
CA HIS A 297 3.31 10.16 -4.90
C HIS A 297 4.76 9.90 -4.50
N HIS A 298 4.93 9.01 -3.52
CA HIS A 298 6.29 8.71 -3.09
C HIS A 298 7.04 8.01 -4.22
N LYS A 299 8.34 8.31 -4.32
CA LYS A 299 9.14 7.81 -5.44
C LYS A 299 9.20 6.29 -5.48
N ASP A 300 8.94 5.61 -4.36
CA ASP A 300 9.03 4.15 -4.38
C ASP A 300 8.08 3.52 -5.38
N ALA A 301 7.05 4.24 -5.82
CA ALA A 301 6.09 3.69 -6.77
C ALA A 301 6.70 3.37 -8.12
N HIS A 302 7.81 4.01 -8.48
CA HIS A 302 8.44 3.78 -9.78
C HIS A 302 9.69 2.93 -9.67
N VAL A 303 9.91 2.26 -8.54
CA VAL A 303 11.16 1.52 -8.35
C VAL A 303 11.28 0.40 -9.39
N ASP A 304 10.21 -0.38 -9.56
CA ASP A 304 10.21 -1.44 -10.57
C ASP A 304 10.69 -0.92 -11.93
N PHE A 305 10.16 0.22 -12.36
CA PHE A 305 10.70 0.92 -13.53
C PHE A 305 12.09 1.45 -13.21
N GLU A 324 11.03 14.81 -16.42
CA GLU A 324 11.13 14.31 -15.06
C GLU A 324 9.77 13.75 -14.59
N THR A 325 8.80 13.67 -15.51
CA THR A 325 7.56 12.96 -15.25
C THR A 325 7.57 11.61 -15.95
N ILE A 326 7.06 10.58 -15.26
CA ILE A 326 6.81 9.29 -15.86
C ILE A 326 5.39 9.26 -16.42
N THR A 327 5.25 8.85 -17.68
CA THR A 327 3.95 8.74 -18.32
C THR A 327 3.45 7.31 -18.20
N LEU A 328 2.19 7.15 -17.79
CA LEU A 328 1.49 5.88 -17.84
C LEU A 328 0.21 6.10 -18.62
N LYS A 329 -0.04 5.23 -19.59
CA LYS A 329 -1.14 5.41 -20.52
C LYS A 329 -2.42 4.83 -19.93
N TRP A 330 -3.51 5.60 -20.00
CA TRP A 330 -4.82 5.12 -19.58
C TRP A 330 -5.23 3.88 -20.37
N CYS A 331 -5.75 2.86 -19.68
CA CYS A 331 -6.33 1.67 -20.29
C CYS A 331 -7.82 1.63 -20.00
N THR A 332 -8.63 1.59 -21.06
CA THR A 332 -10.08 1.70 -20.88
C THR A 332 -10.62 0.47 -20.17
N PRO A 333 -11.44 0.64 -19.12
CA PRO A 333 -11.79 -0.49 -18.24
C PRO A 333 -12.71 -1.50 -18.92
N ARG A 334 -12.27 -2.77 -18.94
CA ARG A 334 -13.13 -3.88 -19.32
C ARG A 334 -13.84 -4.39 -18.07
N THR A 335 -15.18 -4.43 -18.11
CA THR A 335 -15.95 -4.88 -16.96
C THR A 335 -15.66 -6.34 -16.59
N ASN A 336 -15.18 -7.14 -17.54
CA ASN A 336 -14.67 -8.47 -17.23
C ASN A 336 -13.15 -8.36 -17.03
N ASN A 337 -12.78 -7.86 -15.85
CA ASN A 337 -11.39 -7.70 -15.45
C ASN A 337 -11.12 -8.56 -14.22
N ILE A 338 -9.84 -8.65 -13.87
CA ILE A 338 -9.43 -9.41 -12.70
C ILE A 338 -9.83 -8.66 -11.44
N GLU A 339 -10.44 -9.35 -10.48
CA GLU A 339 -10.85 -8.72 -9.23
C GLU A 339 -9.69 -8.62 -8.23
N LEU A 340 -8.80 -9.60 -8.17
CA LEU A 340 -7.69 -9.61 -7.21
C LEU A 340 -6.37 -9.56 -7.96
N HIS A 341 -5.65 -8.45 -7.81
CA HIS A 341 -4.37 -8.23 -8.46
C HIS A 341 -3.20 -8.41 -7.50
N TYR A 342 -2.15 -9.05 -8.00
CA TYR A 342 -0.90 -9.14 -7.25
C TYR A 342 -0.25 -7.76 -7.21
N CYS A 343 -0.10 -7.23 -6.00
CA CYS A 343 0.35 -5.86 -5.82
C CYS A 343 1.59 -5.83 -4.92
N THR A 344 2.69 -5.24 -5.39
CA THR A 344 3.92 -5.20 -4.60
C THR A 344 4.06 -3.94 -3.77
N GLY A 345 3.15 -2.98 -3.93
CA GLY A 345 3.17 -1.75 -3.15
C GLY A 345 2.01 -0.83 -3.47
N ALA A 346 1.57 -0.01 -2.52
CA ALA A 346 0.48 0.91 -2.82
C ALA A 346 0.77 2.27 -2.22
N TYR A 347 0.69 3.31 -3.04
CA TYR A 347 1.15 4.62 -2.62
C TYR A 347 0.06 5.66 -2.82
N ARG A 348 -0.21 6.41 -1.76
CA ARG A 348 -1.16 7.51 -1.84
C ARG A 348 -0.71 8.54 -2.85
N ILE A 349 -1.68 9.20 -3.47
CA ILE A 349 -1.38 10.21 -4.45
C ILE A 349 -2.02 11.52 -4.01
N SER A 350 -1.58 12.60 -4.68
CA SER A 350 -2.20 13.89 -4.61
C SER A 350 -2.14 14.43 -6.03
N PRO A 351 -3.25 14.87 -6.58
CA PRO A 351 -3.21 15.41 -7.93
C PRO A 351 -2.53 16.76 -7.92
N VAL A 352 -1.73 17.00 -8.95
CA VAL A 352 -1.06 18.29 -9.07
C VAL A 352 -2.09 19.41 -9.17
N ASP A 353 -3.01 19.30 -10.14
CA ASP A 353 -4.04 20.32 -10.38
C ASP A 353 -5.38 19.80 -9.87
N VAL A 354 -5.56 19.87 -8.55
CA VAL A 354 -6.66 19.16 -7.90
C VAL A 354 -8.01 19.68 -8.38
N ASN A 355 -8.13 20.97 -8.66
CA ASN A 355 -9.41 21.53 -9.09
C ASN A 355 -9.53 21.65 -10.59
N SER A 356 -8.57 21.16 -11.38
CA SER A 356 -8.72 21.25 -12.82
C SER A 356 -9.85 20.34 -13.28
N ARG A 357 -10.41 20.64 -14.45
CA ARG A 357 -11.52 19.83 -14.94
C ARG A 357 -11.08 18.40 -15.25
N PRO A 358 -9.98 18.15 -15.96
CA PRO A 358 -9.65 16.75 -16.25
C PRO A 358 -9.20 15.95 -15.02
N SER A 359 -8.45 16.57 -14.10
CA SER A 359 -8.08 15.83 -12.89
C SER A 359 -9.29 15.56 -12.03
N SER A 360 -10.19 16.55 -11.90
CA SER A 360 -11.40 16.31 -11.12
C SER A 360 -12.25 15.21 -11.74
N CYS A 361 -12.12 15.02 -13.06
CA CYS A 361 -12.81 13.91 -13.71
C CYS A 361 -12.20 12.58 -13.28
N LEU A 362 -10.88 12.45 -13.42
CA LEU A 362 -10.18 11.23 -13.03
C LEU A 362 -10.42 10.90 -11.55
N THR A 363 -10.20 11.88 -10.68
CA THR A 363 -10.42 11.73 -9.25
C THR A 363 -11.78 11.12 -8.92
N ASN A 364 -12.87 11.78 -9.35
CA ASN A 364 -14.21 11.36 -8.93
C ASN A 364 -14.61 10.03 -9.56
N PHE A 365 -14.13 9.76 -10.77
CA PHE A 365 -14.26 8.43 -11.34
C PHE A 365 -13.75 7.37 -10.36
N LEU A 366 -12.52 7.56 -9.86
CA LEU A 366 -11.94 6.65 -8.89
C LEU A 366 -12.73 6.66 -7.58
N LEU A 367 -13.13 7.85 -7.12
CA LEU A 367 -13.80 7.96 -5.84
C LEU A 367 -15.15 7.30 -5.86
N ASN A 368 -15.77 7.18 -7.03
CA ASN A 368 -17.08 6.59 -7.19
C ASN A 368 -17.04 5.08 -7.30
N GLY A 369 -15.86 4.49 -7.20
CA GLY A 369 -15.69 3.06 -7.02
C GLY A 369 -14.89 2.39 -8.13
N ARG A 370 -14.68 3.07 -9.24
CA ARG A 370 -14.00 2.45 -10.36
C ARG A 370 -12.50 2.42 -10.15
N SER A 371 -11.86 1.39 -10.71
CA SER A 371 -10.40 1.29 -10.76
C SER A 371 -9.95 1.39 -12.20
N VAL A 372 -8.72 1.84 -12.40
CA VAL A 372 -8.21 1.98 -13.76
C VAL A 372 -6.78 1.49 -13.85
N LEU A 373 -6.51 0.62 -14.83
CA LEU A 373 -5.20 0.04 -15.07
C LEU A 373 -4.38 0.95 -15.97
N LEU A 374 -3.08 1.00 -15.71
CA LEU A 374 -2.16 1.88 -16.42
C LEU A 374 -1.08 1.08 -17.12
N GLU A 375 -0.76 1.49 -18.35
CA GLU A 375 0.20 0.79 -19.20
C GLU A 375 1.50 1.59 -19.31
N GLN A 376 2.63 0.92 -19.13
CA GLN A 376 3.92 1.55 -19.33
C GLN A 376 4.24 1.46 -20.82
N PRO A 377 4.30 2.59 -21.51
CA PRO A 377 4.56 2.56 -22.95
C PRO A 377 5.88 1.87 -23.25
N ARG A 378 5.84 1.00 -24.25
CA ARG A 378 7.01 0.28 -24.74
C ARG A 378 6.75 0.01 -26.22
N LYS A 379 7.73 0.34 -27.06
CA LYS A 379 7.61 -0.08 -28.46
C LYS A 379 7.88 -1.59 -28.66
N SER A 380 7.99 -2.35 -27.55
CA SER A 380 8.18 -3.79 -27.61
C SER A 380 7.03 -4.45 -28.37
N GLY A 381 5.80 -4.08 -28.05
CA GLY A 381 4.63 -4.70 -28.65
C GLY A 381 3.80 -5.41 -27.60
N SER A 382 4.46 -6.24 -26.78
CA SER A 382 3.81 -6.87 -25.63
C SER A 382 3.37 -5.78 -24.65
N LYS A 383 2.06 -5.53 -24.58
CA LYS A 383 1.55 -4.46 -23.72
C LYS A 383 1.91 -4.77 -22.27
N VAL A 384 2.23 -3.72 -21.51
CA VAL A 384 2.72 -3.85 -20.15
C VAL A 384 1.80 -3.08 -19.22
N ILE A 385 1.05 -3.79 -18.39
CA ILE A 385 0.26 -3.17 -17.34
C ILE A 385 1.11 -3.13 -16.08
N SER A 386 1.64 -1.95 -15.75
CA SER A 386 2.54 -1.79 -14.61
C SER A 386 1.86 -1.26 -13.34
N HIS A 387 0.70 -0.62 -13.43
CA HIS A 387 0.10 0.04 -12.27
C HIS A 387 -1.41 -0.01 -12.34
N MET A 388 -2.03 0.22 -11.18
CA MET A 388 -3.47 0.40 -11.08
C MET A 388 -3.78 1.57 -10.16
N LEU A 389 -4.75 2.39 -10.53
CA LEU A 389 -5.28 3.43 -9.66
C LEU A 389 -6.60 2.97 -9.07
N SER A 390 -6.72 3.03 -7.75
CA SER A 390 -7.94 2.60 -7.07
C SER A 390 -8.14 3.43 -5.81
N SER A 391 -9.37 3.87 -5.58
CA SER A 391 -9.73 4.54 -4.34
C SER A 391 -10.15 3.51 -3.30
N HIS A 392 -9.82 3.78 -2.04
CA HIS A 392 -10.22 2.93 -0.91
C HIS A 392 -10.80 3.82 0.18
N GLY A 393 -12.11 3.73 0.39
CA GLY A 393 -12.75 4.58 1.37
C GLY A 393 -12.50 6.05 1.18
N GLY A 394 -12.27 6.49 -0.06
CA GLY A 394 -12.10 7.90 -0.34
C GLY A 394 -10.67 8.34 -0.54
N GLU A 395 -9.70 7.45 -0.29
CA GLU A 395 -8.28 7.72 -0.40
C GLU A 395 -7.73 6.93 -1.59
N ILE A 396 -7.09 7.63 -2.52
CA ILE A 396 -6.68 7.06 -3.81
C ILE A 396 -5.24 6.56 -3.72
N PHE A 397 -5.04 5.27 -3.96
CA PHE A 397 -3.71 4.68 -4.01
C PHE A 397 -3.32 4.34 -5.43
N LEU A 398 -2.02 4.48 -5.72
CA LEU A 398 -1.41 3.97 -6.94
C LEU A 398 -0.78 2.61 -6.62
N HIS A 399 -1.37 1.52 -7.15
CA HIS A 399 -0.89 0.17 -6.88
C HIS A 399 0.18 -0.22 -7.90
N VAL A 400 1.31 -0.72 -7.40
CA VAL A 400 2.35 -1.28 -8.26
C VAL A 400 1.99 -2.74 -8.57
N LEU A 401 1.90 -3.05 -9.86
CA LEU A 401 1.57 -4.39 -10.32
C LEU A 401 2.83 -5.15 -10.75
N SER A 402 2.66 -6.40 -11.17
CA SER A 402 3.77 -7.19 -11.67
C SER A 402 3.73 -7.20 -13.18
N SER A 403 4.79 -6.70 -13.80
CA SER A 403 4.90 -6.77 -15.24
C SER A 403 5.64 -8.03 -15.70
N SER A 404 6.41 -8.66 -14.81
CA SER A 404 7.28 -9.76 -15.21
C SER A 404 6.59 -11.12 -15.10
N ARG A 405 7.27 -12.11 -15.65
CA ARG A 405 6.84 -13.51 -15.53
C ARG A 405 6.79 -13.94 -14.07
N SER A 406 5.84 -14.79 -13.74
CA SER A 406 5.61 -15.17 -12.35
C SER A 406 6.31 -16.49 -12.05
N ILE A 407 7.08 -16.52 -10.96
CA ILE A 407 7.70 -17.78 -10.58
C ILE A 407 6.64 -18.81 -10.17
N LEU A 408 5.40 -18.38 -9.93
CA LEU A 408 4.34 -19.33 -9.60
C LEU A 408 3.53 -19.74 -10.81
N GLU A 409 3.92 -19.33 -12.01
CA GLU A 409 3.21 -19.76 -13.20
C GLU A 409 3.12 -21.29 -13.27
N ASP A 410 2.14 -21.76 -14.02
CA ASP A 410 1.86 -23.17 -14.27
C ASP A 410 1.99 -24.02 -12.99
N PRO A 411 1.19 -23.75 -11.97
CA PRO A 411 1.27 -24.54 -10.72
C PRO A 411 0.90 -25.98 -10.97
N PRO A 412 1.12 -26.86 -10.02
CA PRO A 412 0.68 -28.25 -10.20
C PRO A 412 -0.84 -28.32 -10.24
N SER A 413 -1.35 -29.34 -10.93
CA SER A 413 -2.78 -29.58 -10.96
C SER A 413 -3.28 -30.11 -9.62
N ILE A 414 -4.36 -29.49 -9.12
CA ILE A 414 -5.08 -30.03 -7.98
C ILE A 414 -5.35 -31.53 -8.13
N SER A 415 -5.72 -31.97 -9.34
CA SER A 415 -6.08 -33.37 -9.48
C SER A 415 -4.87 -34.29 -9.32
N GLU A 416 -3.67 -33.80 -9.60
CA GLU A 416 -2.49 -34.65 -9.48
C GLU A 416 -1.88 -34.63 -8.07
N GLY A 417 -2.30 -33.73 -7.19
CA GLY A 417 -1.81 -33.71 -5.83
C GLY A 417 -2.65 -34.51 -4.87
N CYS A 418 -2.30 -34.39 -3.59
CA CYS A 418 -3.00 -35.07 -2.50
C CYS A 418 -4.48 -34.74 -2.51
N GLY A 419 -5.31 -35.77 -2.36
CA GLY A 419 -6.76 -35.64 -2.38
C GLY A 419 -7.36 -35.15 -3.68
N GLY A 420 -6.60 -35.15 -4.78
CA GLY A 420 -7.12 -34.60 -6.00
C GLY A 420 -7.89 -35.57 -6.84
N ARG A 421 -7.92 -36.84 -6.42
CA ARG A 421 -8.79 -37.86 -7.02
C ARG A 421 -10.07 -38.06 -6.23
N VAL A 422 -10.38 -37.17 -5.31
CA VAL A 422 -11.59 -37.24 -4.51
C VAL A 422 -12.66 -36.39 -5.20
N THR A 423 -13.84 -36.98 -5.48
CA THR A 423 -14.81 -36.32 -6.35
C THR A 423 -15.91 -35.57 -5.63
N ASP A 424 -16.00 -35.71 -4.31
CA ASP A 424 -17.20 -35.35 -3.57
C ASP A 424 -16.91 -34.41 -2.41
N TYR A 425 -15.96 -33.50 -2.60
CA TYR A 425 -15.73 -32.43 -1.64
C TYR A 425 -16.99 -31.59 -1.44
N ARG A 426 -17.31 -31.28 -0.19
CA ARG A 426 -18.42 -30.38 0.14
C ARG A 426 -18.05 -28.91 -0.11
N ILE A 427 -17.74 -28.59 -1.37
CA ILE A 427 -17.30 -27.24 -1.72
C ILE A 427 -18.39 -26.21 -1.45
N THR A 428 -19.61 -26.39 -1.97
CA THR A 428 -20.58 -25.33 -1.69
C THR A 428 -20.95 -25.28 -0.20
N ASP A 429 -21.03 -26.42 0.51
CA ASP A 429 -21.24 -26.29 1.95
C ASP A 429 -20.12 -25.51 2.63
N PHE A 430 -18.87 -25.73 2.21
CA PHE A 430 -17.78 -25.02 2.84
C PHE A 430 -17.74 -23.55 2.45
N GLY A 431 -18.26 -23.19 1.28
CA GLY A 431 -18.36 -21.79 0.94
C GLY A 431 -19.35 -21.06 1.81
N GLU A 432 -20.42 -21.74 2.22
CA GLU A 432 -21.33 -21.12 3.17
C GLU A 432 -20.62 -20.91 4.50
N PHE A 433 -19.81 -21.89 4.92
CA PHE A 433 -18.96 -21.73 6.09
C PHE A 433 -18.16 -20.45 6.02
N MET A 434 -17.55 -20.19 4.86
CA MET A 434 -16.75 -18.98 4.70
C MET A 434 -17.62 -17.72 4.80
N ARG A 435 -18.75 -17.70 4.09
CA ARG A 435 -19.64 -16.53 4.17
C ARG A 435 -20.06 -16.27 5.61
N GLU A 436 -20.34 -17.32 6.37
CA GLU A 436 -20.76 -17.20 7.76
C GLU A 436 -19.63 -16.85 8.69
N ASN A 437 -18.38 -16.93 8.24
CA ASN A 437 -17.23 -16.56 9.05
C ASN A 437 -16.46 -15.40 8.42
N ARG A 438 -17.16 -14.57 7.66
CA ARG A 438 -16.57 -13.32 7.24
C ARG A 438 -16.33 -12.43 8.46
N LEU A 439 -15.28 -11.62 8.35
CA LEU A 439 -14.84 -10.76 9.42
C LEU A 439 -15.47 -9.38 9.24
N THR A 440 -15.61 -8.68 10.35
CA THR A 440 -16.13 -7.33 10.31
C THR A 440 -15.36 -6.47 11.32
N PRO A 441 -15.09 -5.22 10.99
CA PRO A 441 -14.30 -4.37 11.90
C PRO A 441 -15.12 -3.95 13.10
N PHE A 442 -14.50 -4.01 14.27
CA PHE A 442 -15.08 -3.49 15.50
C PHE A 442 -14.31 -2.25 15.93
N LEU A 443 -14.99 -1.35 16.65
CA LEU A 443 -14.43 -0.02 16.87
C LEU A 443 -13.36 -0.02 17.95
N ASP A 444 -13.63 -0.69 19.07
CA ASP A 444 -12.70 -0.70 20.19
C ASP A 444 -11.71 -1.85 20.06
N PRO A 445 -10.56 -1.76 20.74
CA PRO A 445 -9.63 -2.90 20.76
C PRO A 445 -10.22 -4.16 21.36
N ARG A 446 -11.14 -4.04 22.31
CA ARG A 446 -11.81 -5.20 22.90
C ARG A 446 -13.28 -4.85 23.17
N TYR A 447 -14.07 -5.88 23.40
CA TYR A 447 -15.45 -5.68 23.84
C TYR A 447 -15.78 -6.78 24.83
N LYS A 448 -16.63 -6.46 25.80
CA LYS A 448 -17.03 -7.45 26.79
C LYS A 448 -17.88 -8.55 26.14
N ILE A 449 -17.77 -9.76 26.68
CA ILE A 449 -18.68 -10.84 26.30
C ILE A 449 -19.43 -11.29 27.54
N ASP A 450 -18.77 -12.05 28.42
CA ASP A 450 -19.39 -12.43 29.69
C ASP A 450 -18.79 -11.65 30.84
N GLY A 451 -18.87 -10.33 30.79
CA GLY A 451 -18.19 -9.50 31.77
C GLY A 451 -16.69 -9.54 31.70
N SER A 452 -16.13 -10.15 30.65
CA SER A 452 -14.71 -10.22 30.41
C SER A 452 -14.42 -9.62 29.04
N LEU A 453 -13.29 -8.94 28.92
CA LEU A 453 -12.92 -8.26 27.68
C LEU A 453 -12.18 -9.21 26.73
N GLU A 454 -12.63 -9.26 25.48
CA GLU A 454 -12.14 -10.20 24.50
C GLU A 454 -11.58 -9.44 23.30
N VAL A 455 -10.68 -10.09 22.57
CA VAL A 455 -10.08 -9.50 21.38
C VAL A 455 -10.87 -9.97 20.16
N PRO A 456 -11.39 -9.06 19.33
CA PRO A 456 -12.22 -9.48 18.19
C PRO A 456 -11.64 -10.62 17.39
N LEU A 457 -10.38 -10.50 16.95
CA LEU A 457 -9.82 -11.53 16.08
C LEU A 457 -9.64 -12.84 16.84
N GLU A 458 -9.43 -12.78 18.15
CA GLU A 458 -9.40 -14.00 18.94
C GLU A 458 -10.76 -14.67 18.92
N ARG A 459 -11.84 -13.88 19.03
CA ARG A 459 -13.16 -14.49 19.04
C ARG A 459 -13.50 -15.09 17.68
N ALA A 460 -13.09 -14.43 16.60
CA ALA A 460 -13.21 -15.05 15.29
C ALA A 460 -12.51 -16.40 15.26
N LYS A 461 -11.26 -16.44 15.72
CA LYS A 461 -10.50 -17.69 15.69
C LYS A 461 -11.18 -18.77 16.53
N ASP A 462 -11.75 -18.37 17.68
CA ASP A 462 -12.45 -19.34 18.53
C ASP A 462 -13.70 -19.88 17.86
N GLN A 463 -14.40 -19.06 17.08
CA GLN A 463 -15.60 -19.54 16.41
C GLN A 463 -15.25 -20.60 15.36
N LEU A 464 -14.16 -20.37 14.61
CA LEU A 464 -13.72 -21.38 13.66
C LEU A 464 -13.45 -22.71 14.34
N GLU A 465 -13.01 -22.66 15.59
CA GLU A 465 -12.75 -23.91 16.28
C GLU A 465 -14.05 -24.64 16.55
N LYS A 466 -15.05 -23.91 17.07
CA LYS A 466 -16.32 -24.55 17.36
C LYS A 466 -16.99 -25.06 16.09
N HIS A 467 -16.92 -24.27 15.01
CA HIS A 467 -17.60 -24.69 13.77
C HIS A 467 -16.94 -25.89 13.11
N THR A 468 -15.71 -26.25 13.47
CA THR A 468 -15.03 -27.36 12.82
C THR A 468 -14.78 -28.54 13.74
N ARG A 469 -15.36 -28.55 14.94
CA ARG A 469 -15.19 -29.73 15.79
C ARG A 469 -15.77 -30.96 15.13
N TYR A 470 -16.84 -30.79 14.33
CA TYR A 470 -17.34 -31.89 13.51
C TYR A 470 -17.74 -31.28 12.17
N TRP A 471 -16.89 -31.48 11.17
CA TRP A 471 -17.09 -30.91 9.83
C TRP A 471 -16.49 -31.86 8.80
N PRO A 472 -17.24 -32.89 8.36
CA PRO A 472 -16.72 -33.82 7.35
C PRO A 472 -16.50 -33.13 6.02
N MET A 473 -15.36 -33.41 5.38
CA MET A 473 -15.01 -32.65 4.19
C MET A 473 -15.67 -33.18 2.92
N ILE A 474 -16.19 -34.40 2.94
CA ILE A 474 -16.74 -34.96 1.72
C ILE A 474 -18.13 -35.55 1.97
N ILE A 475 -18.91 -35.59 0.90
CA ILE A 475 -20.33 -35.94 0.98
C ILE A 475 -20.50 -37.35 1.52
N SER A 476 -19.74 -38.29 0.97
CA SER A 476 -19.87 -39.68 1.37
C SER A 476 -19.45 -39.96 2.79
N GLN A 477 -18.88 -39.00 3.51
CA GLN A 477 -18.48 -39.26 4.88
C GLN A 477 -19.54 -38.82 5.89
N THR A 478 -20.68 -38.30 5.42
CA THR A 478 -21.70 -37.82 6.32
C THR A 478 -23.08 -38.27 5.84
N THR A 479 -23.96 -38.49 6.81
CA THR A 479 -25.40 -38.58 6.55
C THR A 479 -26.12 -37.32 6.97
N ILE A 480 -25.91 -36.85 8.21
CA ILE A 480 -26.72 -35.75 8.72
C ILE A 480 -26.48 -34.46 7.94
N PHE A 481 -25.26 -34.22 7.44
CA PHE A 481 -25.03 -32.97 6.71
C PHE A 481 -25.48 -33.03 5.27
N ASN A 482 -26.07 -34.15 4.86
CA ASN A 482 -26.80 -34.24 3.60
C ASN A 482 -28.30 -34.10 3.78
N MET A 483 -28.77 -33.82 5.00
CA MET A 483 -30.19 -33.88 5.35
C MET A 483 -30.74 -32.49 5.67
N GLN A 484 -31.70 -32.02 4.87
CA GLN A 484 -32.29 -30.72 5.16
C GLN A 484 -32.89 -30.68 6.56
N ALA A 485 -33.50 -31.78 7.00
CA ALA A 485 -34.19 -31.83 8.29
C ALA A 485 -33.28 -31.55 9.47
N VAL A 486 -31.97 -31.78 9.35
CA VAL A 486 -31.02 -31.61 10.44
C VAL A 486 -30.50 -30.18 10.56
N VAL A 487 -30.67 -29.36 9.51
CA VAL A 487 -30.08 -28.02 9.52
C VAL A 487 -30.46 -27.19 10.73
N PRO A 488 -31.72 -27.06 11.10
CA PRO A 488 -32.06 -26.24 12.28
C PRO A 488 -31.26 -26.60 13.51
N LEU A 489 -30.90 -27.89 13.67
CA LEU A 489 -30.09 -28.27 14.81
C LEU A 489 -28.62 -28.00 14.54
N ALA A 490 -28.10 -28.45 13.40
CA ALA A 490 -26.67 -28.37 13.16
C ALA A 490 -26.16 -26.94 13.12
N SER A 491 -27.01 -26.01 12.69
CA SER A 491 -26.60 -24.63 12.53
C SER A 491 -26.60 -23.82 13.83
N VAL A 492 -27.26 -24.30 14.88
CA VAL A 492 -27.18 -23.60 16.16
C VAL A 492 -26.46 -24.39 17.25
N ILE A 493 -26.28 -25.69 17.11
CA ILE A 493 -25.70 -26.47 18.19
C ILE A 493 -24.23 -26.09 18.41
N VAL A 494 -23.58 -25.56 17.37
CA VAL A 494 -22.20 -25.09 17.46
C VAL A 494 -22.06 -23.72 18.13
N LYS A 495 -23.15 -23.10 18.54
CA LYS A 495 -23.05 -21.82 19.23
C LYS A 495 -22.63 -22.06 20.67
N GLU A 496 -22.08 -21.01 21.29
CA GLU A 496 -21.61 -21.18 22.64
C GLU A 496 -22.74 -21.10 23.66
N SER A 497 -23.86 -20.47 23.31
CA SER A 497 -25.08 -20.62 24.10
C SER A 497 -26.27 -20.64 23.16
N LEU A 498 -27.37 -21.20 23.65
CA LEU A 498 -28.56 -21.40 22.83
C LEU A 498 -29.72 -20.57 23.35
N THR A 499 -30.38 -19.84 22.46
CA THR A 499 -31.60 -19.14 22.84
C THR A 499 -32.68 -20.16 23.15
N GLU A 500 -33.69 -19.74 23.90
CA GLU A 500 -34.80 -20.66 24.12
C GLU A 500 -35.43 -21.09 22.79
N GLU A 501 -35.39 -20.23 21.78
CA GLU A 501 -35.83 -20.65 20.45
C GLU A 501 -34.89 -21.67 19.84
N ASP A 502 -33.58 -21.49 20.04
CA ASP A 502 -32.61 -22.47 19.55
C ASP A 502 -32.92 -23.85 20.09
N VAL A 503 -33.24 -23.92 21.39
CA VAL A 503 -33.50 -25.21 22.01
C VAL A 503 -34.70 -25.87 21.37
N LEU A 504 -35.77 -25.10 21.15
CA LEU A 504 -36.98 -25.67 20.56
C LEU A 504 -36.69 -26.24 19.17
N ASN A 505 -35.99 -25.48 18.34
CA ASN A 505 -35.67 -26.00 17.01
C ASN A 505 -34.78 -27.22 17.06
N CYS A 506 -33.91 -27.32 18.07
CA CYS A 506 -33.13 -28.55 18.22
C CYS A 506 -34.06 -29.73 18.54
N GLN A 507 -34.97 -29.55 19.49
CA GLN A 507 -35.86 -30.64 19.83
C GLN A 507 -36.77 -30.98 18.65
N LYS A 508 -37.15 -29.97 17.87
CA LYS A 508 -38.05 -30.22 16.75
C LYS A 508 -37.35 -31.00 15.64
N THR A 509 -36.08 -30.69 15.40
CA THR A 509 -35.28 -31.51 14.49
C THR A 509 -35.23 -32.96 14.95
N ILE A 510 -34.99 -33.18 16.25
CA ILE A 510 -34.93 -34.54 16.74
C ILE A 510 -36.28 -35.20 16.58
N TYR A 511 -37.35 -34.48 16.92
CA TYR A 511 -38.69 -35.04 16.81
C TYR A 511 -39.00 -35.43 15.38
N ASN A 512 -38.55 -34.62 14.41
CA ASN A 512 -38.80 -34.94 13.01
C ASN A 512 -38.03 -36.18 12.58
N LEU A 513 -36.79 -36.33 13.05
CA LEU A 513 -36.04 -37.54 12.71
C LEU A 513 -36.75 -38.78 13.25
N VAL A 514 -37.36 -38.68 14.44
CA VAL A 514 -38.15 -39.82 14.89
C VAL A 514 -39.27 -40.10 13.90
N ASP A 515 -39.90 -39.04 13.37
CA ASP A 515 -41.00 -39.25 12.43
C ASP A 515 -40.50 -39.90 11.15
N MET A 516 -39.35 -39.43 10.63
CA MET A 516 -38.76 -40.04 9.44
C MET A 516 -38.45 -41.51 9.67
N GLU A 517 -37.85 -41.84 10.81
CA GLU A 517 -37.53 -43.24 11.07
C GLU A 517 -38.80 -44.08 11.11
N ARG A 518 -39.87 -43.52 11.66
CA ARG A 518 -41.11 -44.28 11.75
C ARG A 518 -41.70 -44.51 10.37
N LYS A 519 -41.70 -43.48 9.53
CA LYS A 519 -42.13 -43.66 8.15
C LYS A 519 -41.11 -44.44 7.34
N ASN A 520 -39.92 -44.70 7.89
CA ASN A 520 -38.86 -45.40 7.19
C ASN A 520 -38.40 -44.64 5.95
N ASP A 521 -38.33 -43.31 6.04
CA ASP A 521 -37.88 -42.52 4.92
C ASP A 521 -36.44 -42.89 4.55
N PRO A 522 -36.11 -42.96 3.27
CA PRO A 522 -34.73 -43.22 2.86
C PRO A 522 -33.81 -42.07 3.21
N LEU A 523 -32.63 -42.41 3.69
CA LEU A 523 -31.64 -41.46 4.14
C LEU A 523 -30.49 -41.37 3.14
N PRO A 524 -29.83 -40.24 3.05
CA PRO A 524 -28.68 -40.14 2.13
C PRO A 524 -27.37 -40.60 2.79
N ILE A 525 -27.16 -41.91 2.84
CA ILE A 525 -25.86 -42.47 3.18
C ILE A 525 -25.21 -43.11 1.96
N SER A 526 -25.83 -42.92 0.80
CA SER A 526 -25.61 -43.70 -0.40
C SER A 526 -24.19 -43.53 -0.97
N THR A 527 -23.91 -44.32 -2.01
CA THR A 527 -22.61 -44.31 -2.67
C THR A 527 -22.38 -42.97 -3.36
N VAL A 528 -21.15 -42.46 -3.24
CA VAL A 528 -20.79 -41.12 -3.70
C VAL A 528 -19.38 -41.13 -4.26
N PRO A 535 -26.11 -50.31 5.25
CA PRO A 535 -27.08 -50.63 4.20
C PRO A 535 -28.55 -50.62 4.67
N LYS A 536 -29.00 -51.71 5.30
CA LYS A 536 -30.39 -51.84 5.69
C LYS A 536 -30.87 -50.59 6.41
N ARG A 537 -32.09 -50.16 6.10
CA ARG A 537 -32.65 -48.94 6.68
C ARG A 537 -32.51 -48.92 8.20
N ASP A 538 -32.70 -50.07 8.84
CA ASP A 538 -32.40 -50.19 10.26
C ASP A 538 -31.01 -49.63 10.55
N GLU A 539 -30.01 -50.10 9.78
CA GLU A 539 -28.64 -49.63 9.93
C GLU A 539 -28.53 -48.16 9.56
N GLN A 540 -29.25 -47.72 8.52
CA GLN A 540 -29.19 -46.33 8.09
C GLN A 540 -29.47 -45.39 9.24
N TYR A 541 -30.52 -45.69 10.01
CA TYR A 541 -30.93 -44.78 11.06
C TYR A 541 -29.97 -44.88 12.25
N ARG A 542 -29.54 -46.09 12.60
CA ARG A 542 -28.55 -46.24 13.67
C ARG A 542 -27.31 -45.41 13.37
N ILE A 543 -26.81 -45.50 12.13
CA ILE A 543 -25.67 -44.70 11.70
C ILE A 543 -26.00 -43.21 11.80
N MET A 544 -27.16 -42.81 11.28
CA MET A 544 -27.53 -41.40 11.29
C MET A 544 -27.60 -40.87 12.72
N TRP A 545 -28.25 -41.61 13.61
CA TRP A 545 -28.34 -41.19 15.00
C TRP A 545 -26.95 -41.13 15.66
N ASN A 546 -26.10 -42.12 15.37
CA ASN A 546 -24.76 -42.08 15.94
C ASN A 546 -24.01 -40.82 15.52
N GLU A 547 -24.17 -40.41 14.27
CA GLU A 547 -23.49 -39.22 13.78
C GLU A 547 -24.07 -37.97 14.42
N LEU A 548 -25.40 -37.91 14.57
CA LEU A 548 -26.00 -36.75 15.21
C LEU A 548 -25.55 -36.65 16.66
N GLU A 549 -25.44 -37.79 17.33
CA GLU A 549 -24.92 -37.82 18.69
C GLU A 549 -23.47 -37.35 18.74
N THR A 550 -22.68 -37.77 17.76
CA THR A 550 -21.31 -37.30 17.69
C THR A 550 -21.24 -35.78 17.61
N LEU A 551 -22.12 -35.19 16.79
CA LEU A 551 -22.11 -33.74 16.64
C LEU A 551 -22.51 -33.06 17.93
N VAL A 552 -23.59 -33.53 18.54
CA VAL A 552 -24.09 -32.89 19.75
C VAL A 552 -23.08 -33.06 20.88
N ARG A 553 -22.54 -34.28 21.05
CA ARG A 553 -21.58 -34.49 22.13
C ARG A 553 -20.36 -33.61 21.99
N ALA A 554 -19.96 -33.29 20.76
CA ALA A 554 -18.91 -32.32 20.51
C ALA A 554 -19.17 -30.95 21.14
N HIS A 555 -20.40 -30.66 21.59
CA HIS A 555 -20.71 -29.33 22.09
C HIS A 555 -21.40 -29.29 23.45
N ILE A 556 -21.56 -30.43 24.14
CA ILE A 556 -22.29 -30.38 25.40
C ILE A 556 -21.56 -29.62 26.49
N ASN A 557 -20.29 -29.33 26.32
CA ASN A 557 -19.60 -28.52 27.31
C ASN A 557 -19.80 -27.03 27.10
N ASN A 558 -20.47 -26.64 26.00
CA ASN A 558 -20.69 -25.23 25.73
C ASN A 558 -21.63 -24.61 26.74
N SER A 559 -22.69 -25.31 27.13
CA SER A 559 -23.75 -24.75 27.96
C SER A 559 -24.63 -25.87 28.51
N GLU A 560 -25.40 -25.55 29.55
CA GLU A 560 -26.29 -26.57 30.08
C GLU A 560 -27.46 -26.88 29.13
N LYS A 561 -27.85 -25.92 28.31
CA LYS A 561 -28.89 -26.20 27.32
C LYS A 561 -28.38 -27.21 26.30
N HIS A 562 -27.12 -27.09 25.91
CA HIS A 562 -26.51 -28.10 25.07
C HIS A 562 -26.66 -29.47 25.70
N GLN A 563 -26.43 -29.56 27.01
CA GLN A 563 -26.55 -30.84 27.68
C GLN A 563 -27.95 -31.40 27.53
N ARG A 564 -28.96 -30.54 27.62
CA ARG A 564 -30.33 -31.00 27.54
C ARG A 564 -30.71 -31.42 26.12
N VAL A 565 -30.19 -30.71 25.10
CA VAL A 565 -30.40 -31.18 23.73
C VAL A 565 -29.97 -32.64 23.59
N LEU A 566 -28.78 -32.97 24.13
CA LEU A 566 -28.31 -34.35 24.10
C LEU A 566 -29.23 -35.29 24.85
N GLU A 567 -29.74 -34.89 26.02
CA GLU A 567 -30.68 -35.76 26.73
C GLU A 567 -31.90 -36.05 25.87
N CYS A 568 -32.34 -35.06 25.10
CA CYS A 568 -33.48 -35.25 24.22
C CYS A 568 -33.14 -36.24 23.12
N LEU A 569 -32.04 -35.99 22.39
CA LEU A 569 -31.55 -36.95 21.41
C LEU A 569 -31.43 -38.35 21.98
N MET A 570 -30.79 -38.49 23.15
CA MET A 570 -30.60 -39.84 23.66
C MET A 570 -31.93 -40.53 23.91
N ALA A 571 -32.97 -39.78 24.26
CA ALA A 571 -34.25 -40.37 24.64
C ALA A 571 -35.12 -40.69 23.45
N CYS A 572 -34.93 -39.96 22.34
CA CYS A 572 -35.81 -40.10 21.19
C CYS A 572 -35.23 -41.03 20.12
N ARG A 573 -33.92 -41.26 20.14
CA ARG A 573 -33.26 -42.08 19.12
C ARG A 573 -33.50 -43.55 19.40
N SER A 574 -33.25 -44.36 18.38
CA SER A 574 -33.37 -45.81 18.48
C SER A 574 -32.07 -46.40 18.99
N LYS A 575 -32.14 -47.17 20.09
CA LYS A 575 -30.88 -47.73 20.54
C LYS A 575 -30.81 -49.22 20.22
N PRO A 576 -29.66 -49.69 19.67
CA PRO A 576 -29.37 -51.12 19.46
C PRO A 576 -29.80 -52.03 20.59
N PRO B 2 14.42 -18.14 -8.39
CA PRO B 2 15.16 -18.80 -9.47
C PRO B 2 16.66 -19.01 -9.15
N THR B 3 17.28 -19.83 -9.99
CA THR B 3 18.67 -20.22 -9.84
C THR B 3 19.32 -20.08 -11.20
N VAL B 4 20.51 -19.50 -11.25
CA VAL B 4 21.35 -19.52 -12.44
C VAL B 4 22.63 -20.25 -12.09
N VAL B 5 22.87 -21.38 -12.76
CA VAL B 5 24.14 -22.11 -12.66
C VAL B 5 25.11 -21.53 -13.67
N VAL B 6 26.25 -21.02 -13.17
CA VAL B 6 27.31 -20.44 -13.98
C VAL B 6 28.50 -21.40 -13.95
N MET B 7 28.69 -22.12 -15.04
CA MET B 7 29.58 -23.28 -15.13
C MET B 7 30.82 -22.94 -15.96
N ASP B 8 31.98 -23.08 -15.34
CA ASP B 8 33.26 -22.78 -15.96
C ASP B 8 33.66 -23.92 -16.90
N VAL B 9 33.81 -23.60 -18.19
CA VAL B 9 34.21 -24.64 -19.14
C VAL B 9 35.59 -24.32 -19.70
N SER B 10 36.40 -23.59 -18.97
CA SER B 10 37.73 -23.25 -19.46
C SER B 10 38.65 -24.48 -19.38
N LEU B 11 39.84 -24.32 -19.99
CA LEU B 11 40.78 -25.41 -20.15
C LEU B 11 41.25 -25.97 -18.81
N SER B 12 41.53 -25.08 -17.85
CA SER B 12 41.94 -25.49 -16.51
C SER B 12 41.00 -26.54 -15.92
N MET B 13 39.73 -26.53 -16.31
CA MET B 13 38.78 -27.50 -15.75
C MET B 13 39.00 -28.90 -16.31
N THR B 14 39.84 -29.05 -17.33
CA THR B 14 40.19 -30.37 -17.83
C THR B 14 41.35 -31.01 -17.08
N ARG B 15 41.95 -30.31 -16.11
CA ARG B 15 42.98 -30.91 -15.27
C ARG B 15 42.42 -32.08 -14.47
N PRO B 16 43.25 -33.08 -14.18
CA PRO B 16 42.82 -34.18 -13.30
C PRO B 16 42.50 -33.68 -11.91
N VAL B 17 41.50 -34.30 -11.28
CA VAL B 17 41.27 -34.06 -9.86
C VAL B 17 42.37 -34.70 -9.02
N SER B 18 43.12 -35.65 -9.57
CA SER B 18 44.14 -36.32 -8.76
C SER B 18 45.33 -36.69 -9.65
N ILE B 19 46.44 -35.98 -9.50
CA ILE B 19 47.62 -36.40 -10.22
C ILE B 19 48.17 -37.71 -9.70
N GLU B 20 47.74 -38.17 -8.53
CA GLU B 20 48.12 -39.49 -8.06
C GLU B 20 47.24 -40.59 -8.64
N GLY B 21 46.31 -40.24 -9.54
CA GLY B 21 45.39 -41.19 -10.13
C GLY B 21 44.43 -41.86 -9.17
N SER B 22 44.17 -41.24 -8.01
CA SER B 22 43.19 -41.82 -7.09
C SER B 22 41.83 -41.97 -7.74
N GLU B 23 41.44 -41.04 -8.61
CA GLU B 23 40.20 -41.11 -9.37
C GLU B 23 40.49 -40.59 -10.78
N GLU B 24 39.68 -41.01 -11.74
CA GLU B 24 39.97 -40.70 -13.14
C GLU B 24 39.40 -39.35 -13.59
N TYR B 25 38.52 -38.74 -12.81
CA TYR B 25 37.78 -37.55 -13.24
C TYR B 25 38.68 -36.34 -13.47
N GLN B 26 38.31 -35.54 -14.47
CA GLN B 26 38.78 -34.17 -14.54
C GLN B 26 37.86 -33.25 -13.72
N ARG B 27 38.31 -32.02 -13.48
CA ARG B 27 37.56 -31.11 -12.63
C ARG B 27 36.13 -30.95 -13.15
N LYS B 28 35.99 -30.84 -14.48
CA LYS B 28 34.67 -30.69 -15.08
C LYS B 28 33.77 -31.89 -14.78
N HIS B 29 34.36 -33.07 -14.57
CA HIS B 29 33.52 -34.23 -14.30
C HIS B 29 32.98 -34.21 -12.88
N LEU B 30 33.78 -33.81 -11.89
CA LEU B 30 33.21 -33.69 -10.56
C LEU B 30 32.23 -32.53 -10.52
N ALA B 31 32.47 -31.48 -11.31
CA ALA B 31 31.51 -30.40 -11.41
C ALA B 31 30.17 -30.93 -11.92
N ALA B 32 30.19 -31.72 -12.98
CA ALA B 32 28.93 -32.26 -13.48
C ALA B 32 28.31 -33.23 -12.48
N HIS B 33 29.14 -33.96 -11.72
CA HIS B 33 28.58 -34.85 -10.72
C HIS B 33 27.91 -34.06 -9.61
N GLY B 34 28.51 -32.95 -9.19
CA GLY B 34 27.90 -32.12 -8.17
C GLY B 34 26.60 -31.50 -8.64
N LEU B 35 26.57 -31.05 -9.90
CA LEU B 35 25.36 -30.44 -10.44
C LEU B 35 24.27 -31.50 -10.62
N THR B 36 24.63 -32.70 -11.08
CA THR B 36 23.66 -33.79 -11.16
C THR B 36 22.99 -34.01 -9.81
N MET B 37 23.79 -34.00 -8.75
CA MET B 37 23.22 -34.15 -7.44
C MET B 37 22.26 -32.99 -7.13
N LEU B 38 22.60 -31.78 -7.56
CA LEU B 38 21.76 -30.63 -7.26
C LEU B 38 20.47 -30.70 -8.06
N PHE B 39 20.59 -30.99 -9.36
CA PHE B 39 19.42 -31.12 -10.21
C PHE B 39 18.52 -32.26 -9.75
N GLU B 40 19.09 -33.37 -9.28
CA GLU B 40 18.22 -34.45 -8.85
C GLU B 40 17.43 -34.04 -7.60
N HIS B 41 18.09 -33.35 -6.69
CA HIS B 41 17.40 -32.87 -5.49
C HIS B 41 16.28 -31.92 -5.87
N MET B 42 16.58 -30.98 -6.76
CA MET B 42 15.58 -30.04 -7.20
C MET B 42 14.39 -30.77 -7.79
N ALA B 43 14.66 -31.69 -8.71
CA ALA B 43 13.62 -32.38 -9.45
C ALA B 43 12.65 -33.10 -8.55
N THR B 44 13.06 -33.50 -7.35
CA THR B 44 12.12 -34.22 -6.51
C THR B 44 11.69 -33.48 -5.25
N ASN B 45 12.49 -32.53 -4.74
CA ASN B 45 12.15 -31.84 -3.50
C ASN B 45 11.94 -30.36 -3.65
N TYR B 46 12.23 -29.80 -4.83
CA TYR B 46 12.10 -28.37 -5.06
C TYR B 46 11.66 -28.14 -6.51
N LYS B 47 10.67 -28.94 -6.97
CA LYS B 47 10.33 -29.05 -8.40
C LYS B 47 9.97 -27.73 -9.02
N LEU B 48 9.44 -26.78 -8.24
CA LEU B 48 8.85 -25.61 -8.88
C LEU B 48 9.88 -24.56 -9.25
N GLU B 49 11.11 -24.72 -8.75
CA GLU B 49 12.19 -23.76 -8.93
C GLU B 49 12.61 -23.69 -10.39
N PHE B 50 12.75 -22.47 -10.92
CA PHE B 50 13.31 -22.29 -12.26
C PHE B 50 14.82 -22.20 -12.20
N THR B 51 15.49 -22.92 -13.11
CA THR B 51 16.94 -22.93 -13.16
C THR B 51 17.40 -22.69 -14.59
N ALA B 52 18.37 -21.79 -14.75
CA ALA B 52 19.03 -21.61 -16.03
C ALA B 52 20.47 -22.10 -15.91
N LEU B 53 21.06 -22.42 -17.07
CA LEU B 53 22.43 -22.92 -17.13
C LEU B 53 23.23 -22.02 -18.06
N VAL B 54 24.25 -21.36 -17.51
CA VAL B 54 25.17 -20.54 -18.29
C VAL B 54 26.53 -21.19 -18.27
N VAL B 55 27.19 -21.25 -19.42
CA VAL B 55 28.57 -21.75 -19.52
C VAL B 55 29.47 -20.61 -19.94
N PHE B 56 30.73 -20.67 -19.49
CA PHE B 56 31.67 -19.63 -19.86
C PHE B 56 33.11 -20.12 -19.88
N SER B 57 33.86 -19.61 -20.84
CA SER B 57 35.33 -19.61 -20.84
C SER B 57 35.80 -18.25 -21.36
N SER B 58 36.40 -18.22 -22.55
CA SER B 58 36.73 -16.94 -23.16
C SER B 58 35.48 -16.09 -23.31
N LEU B 59 34.41 -16.69 -23.81
CA LEU B 59 33.10 -16.09 -23.91
C LEU B 59 32.15 -16.79 -22.95
N TRP B 60 30.91 -16.35 -22.94
CA TRP B 60 29.86 -17.02 -22.19
C TRP B 60 28.63 -17.22 -23.08
N GLU B 61 27.80 -18.18 -22.70
CA GLU B 61 26.56 -18.41 -23.43
C GLU B 61 25.54 -18.95 -22.44
N LEU B 62 24.29 -18.52 -22.60
CA LEU B 62 23.16 -19.17 -21.96
C LEU B 62 22.87 -20.46 -22.71
N MET B 63 23.07 -21.61 -22.06
CA MET B 63 22.87 -22.90 -22.69
C MET B 63 21.46 -23.43 -22.48
N VAL B 64 20.90 -23.25 -21.28
CA VAL B 64 19.54 -23.66 -20.98
C VAL B 64 18.81 -22.47 -20.35
N PRO B 65 17.81 -21.91 -21.03
CA PRO B 65 16.98 -20.87 -20.41
C PRO B 65 16.16 -21.42 -19.28
N PHE B 66 15.83 -20.52 -18.32
CA PHE B 66 15.10 -20.86 -17.10
C PHE B 66 14.03 -21.91 -17.38
N THR B 67 14.16 -23.05 -16.70
CA THR B 67 13.26 -24.16 -16.92
C THR B 67 13.04 -24.86 -15.60
N ARG B 68 11.93 -25.59 -15.52
CA ARG B 68 11.72 -26.52 -14.41
C ARG B 68 12.02 -27.94 -14.84
N ASP B 69 12.39 -28.15 -16.11
CA ASP B 69 12.71 -29.47 -16.62
C ASP B 69 14.13 -29.80 -16.20
N TYR B 70 14.26 -30.52 -15.10
CA TYR B 70 15.61 -30.86 -14.66
C TYR B 70 16.21 -32.00 -15.48
N ASN B 71 15.46 -32.58 -16.43
CA ASN B 71 16.07 -33.55 -17.32
C ASN B 71 16.88 -32.84 -18.39
N THR B 72 16.30 -31.81 -19.01
CA THR B 72 17.05 -31.06 -20.01
C THR B 72 18.27 -30.41 -19.38
N LEU B 73 18.14 -29.91 -18.14
CA LEU B 73 19.31 -29.39 -17.43
C LEU B 73 20.32 -30.49 -17.18
N GLN B 74 19.86 -31.64 -16.72
CA GLN B 74 20.75 -32.77 -16.54
C GLN B 74 21.42 -33.17 -17.84
N GLU B 75 20.65 -33.30 -18.92
CA GLU B 75 21.25 -33.71 -20.18
C GLU B 75 22.24 -32.68 -20.70
N ALA B 76 22.09 -31.43 -20.30
CA ALA B 76 23.00 -30.40 -20.78
C ALA B 76 24.42 -30.58 -20.28
N LEU B 77 24.61 -31.25 -19.13
CA LEU B 77 25.93 -31.35 -18.53
C LEU B 77 26.91 -32.13 -19.42
N SER B 78 26.47 -33.25 -20.00
CA SER B 78 27.37 -34.05 -20.83
C SER B 78 27.77 -33.33 -22.12
N ASN B 79 26.99 -32.33 -22.55
CA ASN B 79 27.18 -31.66 -23.83
C ASN B 79 27.62 -30.20 -23.70
N MET B 80 28.13 -29.77 -22.54
CA MET B 80 28.40 -28.35 -22.30
C MET B 80 29.82 -27.91 -22.64
N ASP B 81 30.80 -28.81 -22.67
CA ASP B 81 32.13 -28.39 -23.12
C ASP B 81 32.09 -27.99 -24.59
N ASP B 82 31.41 -28.78 -25.42
CA ASP B 82 31.25 -28.49 -26.85
C ASP B 82 30.00 -27.68 -27.16
N TYR B 83 29.68 -26.67 -26.38
CA TYR B 83 28.59 -25.76 -26.71
C TYR B 83 29.18 -24.41 -27.12
N ASP B 84 28.60 -23.81 -28.15
CA ASP B 84 29.15 -22.61 -28.77
C ASP B 84 28.83 -21.37 -27.94
N LYS B 85 29.87 -20.78 -27.35
CA LYS B 85 29.76 -19.53 -26.60
C LYS B 85 30.00 -18.34 -27.54
N THR B 86 29.12 -17.35 -27.46
CA THR B 86 29.15 -16.22 -28.39
C THR B 86 29.31 -14.85 -27.72
N CYS B 87 28.89 -14.70 -26.47
CA CYS B 87 28.77 -13.39 -25.83
C CYS B 87 30.06 -13.00 -25.13
N LEU B 88 30.36 -11.70 -25.15
CA LEU B 88 31.72 -11.23 -24.85
C LEU B 88 31.80 -10.26 -23.68
N GLU B 89 30.77 -10.17 -22.84
CA GLU B 89 30.89 -9.46 -21.59
C GLU B 89 31.24 -10.47 -20.49
N SER B 90 31.36 -9.99 -19.26
CA SER B 90 31.47 -10.90 -18.13
C SER B 90 30.22 -11.76 -18.03
N ALA B 91 30.41 -13.07 -17.83
CA ALA B 91 29.26 -13.93 -17.62
C ALA B 91 28.38 -13.42 -16.47
N LEU B 92 28.98 -12.71 -15.51
CA LEU B 92 28.17 -12.15 -14.44
C LEU B 92 27.31 -10.98 -14.92
N VAL B 93 27.78 -10.21 -15.90
CA VAL B 93 26.89 -9.29 -16.61
C VAL B 93 25.76 -10.07 -17.26
N GLY B 94 26.09 -11.19 -17.92
CA GLY B 94 25.06 -12.02 -18.52
C GLY B 94 24.04 -12.52 -17.51
N VAL B 95 24.50 -12.90 -16.32
CA VAL B 95 23.57 -13.32 -15.29
C VAL B 95 22.57 -12.22 -14.96
N CYS B 96 23.08 -10.98 -14.83
CA CYS B 96 22.23 -9.84 -14.51
C CYS B 96 21.16 -9.66 -15.57
N ASN B 97 21.57 -9.59 -16.83
CA ASN B 97 20.61 -9.45 -17.93
C ASN B 97 19.62 -10.59 -17.95
N ILE B 98 20.10 -11.82 -17.78
CA ILE B 98 19.25 -12.99 -17.85
C ILE B 98 18.17 -12.95 -16.76
N VAL B 99 18.56 -12.60 -15.53
CA VAL B 99 17.64 -12.65 -14.41
C VAL B 99 16.57 -11.58 -14.54
N GLN B 100 16.96 -10.33 -14.82
CA GLN B 100 15.96 -9.27 -14.85
C GLN B 100 15.07 -9.38 -16.09
N GLN B 101 15.63 -9.84 -17.21
CA GLN B 101 14.84 -10.07 -18.41
C GLN B 101 13.69 -11.08 -18.21
N GLU B 102 13.79 -11.97 -17.23
CA GLU B 102 12.71 -12.91 -16.95
C GLU B 102 11.86 -12.50 -15.77
N TRP B 103 12.47 -12.17 -14.64
CA TRP B 103 11.74 -12.04 -13.38
C TRP B 103 11.66 -10.62 -12.89
N GLY B 104 12.27 -9.67 -13.60
CA GLY B 104 12.45 -8.35 -13.06
C GLY B 104 13.54 -8.34 -12.00
N GLY B 105 13.52 -7.29 -11.19
CA GLY B 105 14.58 -7.11 -10.24
C GLY B 105 14.13 -7.15 -8.80
N ALA B 106 12.99 -7.78 -8.53
CA ALA B 106 12.52 -7.90 -7.16
C ALA B 106 12.52 -9.32 -6.65
N ILE B 107 12.89 -10.28 -7.47
CA ILE B 107 12.76 -11.70 -7.15
C ILE B 107 14.10 -12.21 -6.65
N PRO B 108 14.16 -12.88 -5.51
CA PRO B 108 15.42 -13.49 -5.05
C PRO B 108 15.89 -14.60 -5.98
N CYS B 109 17.11 -14.43 -6.52
CA CYS B 109 17.78 -15.45 -7.33
C CYS B 109 19.06 -15.88 -6.65
N GLN B 110 19.36 -17.17 -6.75
CA GLN B 110 20.59 -17.74 -6.25
C GLN B 110 21.49 -18.04 -7.44
N VAL B 111 22.75 -17.59 -7.35
CA VAL B 111 23.71 -17.79 -8.43
C VAL B 111 24.76 -18.77 -7.95
N VAL B 112 24.80 -19.93 -8.61
CA VAL B 112 25.69 -21.03 -8.25
C VAL B 112 26.86 -21.04 -9.23
N LEU B 113 28.02 -20.60 -8.78
CA LEU B 113 29.20 -20.48 -9.62
C LEU B 113 30.11 -21.69 -9.40
N VAL B 114 30.29 -22.49 -10.45
CA VAL B 114 31.10 -23.70 -10.36
C VAL B 114 32.41 -23.46 -11.13
N THR B 115 33.54 -23.45 -10.41
CA THR B 115 34.82 -23.14 -11.05
C THR B 115 35.99 -23.69 -10.22
N ASP B 116 37.18 -23.68 -10.82
CA ASP B 116 38.39 -24.04 -10.10
C ASP B 116 39.18 -22.82 -9.65
N GLY B 117 38.76 -21.61 -10.03
CA GLY B 117 39.31 -20.40 -9.49
C GLY B 117 40.45 -19.82 -10.28
N CYS B 118 41.07 -20.61 -11.18
CA CYS B 118 42.33 -20.32 -11.86
C CYS B 118 42.45 -18.88 -12.36
N LEU B 119 43.36 -18.11 -11.76
CA LEU B 119 43.53 -16.69 -12.06
C LEU B 119 44.68 -16.46 -13.05
N ASN B 140 31.89 1.35 -16.92
CA ASN B 140 30.56 0.73 -16.85
C ASN B 140 30.37 0.02 -15.50
N ARG B 141 29.11 -0.24 -15.14
CA ARG B 141 28.78 -0.85 -13.86
C ARG B 141 29.27 -2.29 -13.79
N PHE B 142 30.15 -2.57 -12.82
CA PHE B 142 30.53 -3.93 -12.50
C PHE B 142 29.30 -4.70 -12.01
N PRO B 143 29.21 -6.00 -12.30
CA PRO B 143 27.96 -6.72 -11.99
C PRO B 143 27.71 -6.89 -10.51
N LEU B 144 28.75 -6.92 -9.67
CA LEU B 144 28.39 -7.13 -8.28
C LEU B 144 28.30 -5.80 -7.53
N PRO B 145 27.44 -5.68 -6.50
CA PRO B 145 26.42 -6.64 -6.07
C PRO B 145 25.25 -6.73 -7.05
N PHE B 146 24.65 -7.91 -7.14
CA PHE B 146 23.62 -8.15 -8.13
C PHE B 146 22.45 -7.19 -7.92
N PRO B 147 21.83 -6.67 -8.99
CA PRO B 147 20.75 -5.68 -8.85
C PRO B 147 19.47 -6.23 -8.23
N PHE B 148 19.36 -7.52 -8.02
CA PHE B 148 18.20 -8.20 -7.45
C PHE B 148 18.63 -8.85 -6.13
N PRO B 149 17.70 -9.24 -5.27
CA PRO B 149 18.09 -9.95 -4.05
C PRO B 149 18.75 -11.26 -4.43
N SER B 150 19.96 -11.49 -3.92
CA SER B 150 20.75 -12.59 -4.46
C SER B 150 21.62 -13.25 -3.39
N LYS B 151 21.91 -14.51 -3.64
CA LYS B 151 23.02 -15.22 -3.01
C LYS B 151 23.99 -15.62 -4.12
N LEU B 152 25.28 -15.42 -3.87
CA LEU B 152 26.33 -15.92 -4.75
C LEU B 152 27.00 -17.09 -4.05
N TYR B 153 26.73 -18.31 -4.52
CA TYR B 153 27.37 -19.51 -3.97
C TYR B 153 28.46 -20.01 -4.93
N ILE B 154 29.70 -20.03 -4.45
CA ILE B 154 30.84 -20.43 -5.27
C ILE B 154 31.28 -21.84 -4.87
N MET B 155 31.10 -22.78 -5.80
CA MET B 155 31.49 -24.19 -5.60
C MET B 155 32.88 -24.41 -6.21
N CYS B 156 33.89 -24.55 -5.36
CA CYS B 156 35.28 -24.60 -5.81
C CYS B 156 35.68 -26.01 -6.22
N MET B 157 36.02 -26.18 -7.50
CA MET B 157 36.51 -27.46 -8.05
C MET B 157 38.03 -27.54 -7.98
N ALA B 158 38.52 -27.21 -6.80
CA ALA B 158 39.92 -27.15 -6.42
C ALA B 158 39.91 -27.19 -4.92
N ASN B 159 40.92 -27.83 -4.34
CA ASN B 159 40.80 -27.91 -2.90
C ASN B 159 41.43 -26.69 -2.24
N LEU B 160 41.23 -26.58 -0.92
CA LEU B 160 41.73 -25.41 -0.20
C LEU B 160 43.22 -25.22 -0.40
N GLU B 161 44.02 -26.29 -0.24
CA GLU B 161 45.46 -26.09 -0.35
C GLU B 161 45.82 -25.54 -1.71
N GLU B 162 45.09 -25.95 -2.75
CA GLU B 162 45.38 -25.45 -4.09
C GLU B 162 44.98 -23.99 -4.23
N LEU B 163 43.79 -23.65 -3.73
CA LEU B 163 43.33 -22.26 -3.78
C LEU B 163 44.28 -21.35 -3.02
N GLN B 164 44.73 -21.77 -1.84
CA GLN B 164 45.64 -20.92 -1.06
C GLN B 164 46.97 -20.75 -1.78
N SER B 165 47.47 -21.80 -2.41
CA SER B 165 48.80 -21.76 -3.01
C SER B 165 48.92 -20.80 -4.18
N THR B 166 47.84 -20.12 -4.61
CA THR B 166 47.92 -19.21 -5.76
C THR B 166 47.12 -17.94 -5.56
N ASP B 167 46.77 -17.61 -4.31
CA ASP B 167 46.00 -16.42 -3.97
C ASP B 167 44.64 -16.38 -4.66
N SER B 168 44.23 -17.49 -5.29
CA SER B 168 42.91 -17.57 -5.90
C SER B 168 41.80 -17.54 -4.86
N LEU B 169 42.07 -18.03 -3.66
CA LEU B 169 41.06 -18.05 -2.61
C LEU B 169 40.65 -16.64 -2.22
N GLU B 170 41.58 -15.68 -2.23
CA GLU B 170 41.22 -14.33 -1.81
C GLU B 170 40.39 -13.61 -2.86
N CYS B 171 40.59 -13.93 -4.14
CA CYS B 171 39.75 -13.37 -5.19
C CYS B 171 38.30 -13.81 -5.02
N LEU B 172 38.08 -15.13 -5.03
CA LEU B 172 36.74 -15.64 -4.81
C LEU B 172 36.11 -15.03 -3.56
N GLU B 173 36.87 -14.91 -2.48
CA GLU B 173 36.31 -14.34 -1.25
C GLU B 173 35.93 -12.88 -1.46
N ARG B 174 36.60 -12.19 -2.40
CA ARG B 174 36.23 -10.80 -2.70
C ARG B 174 34.86 -10.72 -3.37
N LEU B 175 34.57 -11.64 -4.30
CA LEU B 175 33.26 -11.66 -4.95
C LEU B 175 32.14 -11.69 -3.92
N ILE B 176 32.24 -12.57 -2.91
CA ILE B 176 31.23 -12.56 -1.85
C ILE B 176 31.21 -11.20 -1.15
N ASP B 177 32.38 -10.61 -0.92
CA ASP B 177 32.43 -9.29 -0.29
C ASP B 177 31.75 -8.24 -1.17
N LEU B 178 32.05 -8.21 -2.47
CA LEU B 178 31.36 -7.30 -3.39
C LEU B 178 29.86 -7.54 -3.43
N ASN B 179 29.41 -8.78 -3.34
CA ASN B 179 27.99 -9.05 -3.18
C ASN B 179 27.53 -8.90 -1.72
N ASN B 180 28.20 -8.01 -0.96
CA ASN B 180 27.80 -7.65 0.42
C ASN B 180 27.60 -8.87 1.33
N GLY B 181 28.51 -9.83 1.19
CA GLY B 181 28.50 -11.05 1.96
C GLY B 181 27.29 -11.92 1.75
N GLU B 182 26.47 -11.62 0.75
CA GLU B 182 25.28 -12.40 0.45
C GLU B 182 25.71 -13.56 -0.43
N GLY B 183 25.90 -14.72 0.19
CA GLY B 183 26.44 -15.87 -0.49
C GLY B 183 27.57 -16.47 0.30
N GLN B 184 28.21 -17.48 -0.28
CA GLN B 184 29.19 -18.25 0.48
C GLN B 184 30.13 -18.94 -0.50
N ILE B 185 31.40 -19.10 -0.08
CA ILE B 185 32.35 -19.96 -0.78
C ILE B 185 32.25 -21.35 -0.19
N PHE B 186 32.29 -22.37 -1.05
CA PHE B 186 32.34 -23.76 -0.61
C PHE B 186 33.67 -24.34 -1.08
N THR B 187 34.46 -24.89 -0.17
CA THR B 187 35.76 -25.46 -0.52
C THR B 187 35.95 -26.79 0.17
N ILE B 188 36.87 -27.59 -0.37
CA ILE B 188 37.22 -28.87 0.22
C ILE B 188 38.64 -28.75 0.79
N ASP B 189 38.78 -28.98 2.10
CA ASP B 189 40.12 -29.05 2.68
C ASP B 189 40.48 -30.53 2.74
N GLY B 190 40.93 -31.04 1.60
CA GLY B 190 41.19 -32.45 1.46
C GLY B 190 41.24 -32.86 0.01
N PRO B 191 41.14 -34.16 -0.23
CA PRO B 191 41.32 -34.68 -1.58
C PRO B 191 40.10 -34.32 -2.42
N LEU B 192 40.36 -33.72 -3.57
CA LEU B 192 39.31 -33.36 -4.50
C LEU B 192 38.84 -34.65 -5.19
N CYS B 193 37.99 -35.39 -4.48
CA CYS B 193 37.39 -36.63 -4.93
C CYS B 193 35.88 -36.49 -4.99
N LEU B 194 35.22 -37.56 -5.45
CA LEU B 194 33.77 -37.52 -5.68
C LEU B 194 32.99 -37.45 -4.38
N LYS B 195 33.42 -38.21 -3.37
CA LYS B 195 32.73 -38.17 -2.09
C LYS B 195 32.73 -36.76 -1.53
N ASN B 196 33.86 -36.05 -1.66
CA ASN B 196 33.96 -34.72 -1.08
C ASN B 196 33.15 -33.71 -1.87
N VAL B 197 33.06 -33.87 -3.18
CA VAL B 197 32.24 -32.97 -3.97
C VAL B 197 30.77 -33.20 -3.68
N GLN B 198 30.37 -34.47 -3.55
CA GLN B 198 29.00 -34.75 -3.14
C GLN B 198 28.70 -34.10 -1.80
N SER B 199 29.60 -34.28 -0.84
CA SER B 199 29.42 -33.66 0.47
C SER B 199 29.25 -32.15 0.34
N MET B 200 29.94 -31.55 -0.63
CA MET B 200 29.93 -30.11 -0.79
C MET B 200 28.60 -29.65 -1.35
N PHE B 201 28.15 -30.28 -2.43
CA PHE B 201 26.85 -29.90 -3.00
C PHE B 201 25.73 -30.25 -2.03
N GLY B 202 25.87 -31.35 -1.30
CA GLY B 202 24.96 -31.61 -0.20
C GLY B 202 24.84 -30.43 0.76
N LYS B 203 25.96 -29.81 1.11
CA LYS B 203 25.88 -28.66 2.01
C LYS B 203 25.16 -27.50 1.34
N LEU B 204 25.36 -27.30 0.03
CA LEU B 204 24.63 -26.24 -0.67
C LEU B 204 23.14 -26.53 -0.68
N ILE B 205 22.78 -27.78 -0.94
CA ILE B 205 21.37 -28.17 -0.93
C ILE B 205 20.73 -27.84 0.41
N ASP B 206 21.34 -28.32 1.51
CA ASP B 206 20.78 -28.06 2.82
C ASP B 206 20.68 -26.57 3.10
N LEU B 207 21.67 -25.80 2.65
CA LEU B 207 21.66 -24.38 2.93
C LEU B 207 20.61 -23.61 2.12
N ALA B 208 20.39 -23.99 0.86
CA ALA B 208 19.70 -23.08 -0.05
C ALA B 208 18.54 -23.69 -0.79
N TYR B 209 18.27 -24.99 -0.63
CA TYR B 209 17.18 -25.63 -1.36
C TYR B 209 16.41 -26.64 -0.50
N THR B 210 16.22 -26.35 0.83
CA THR B 210 15.32 -27.29 1.51
C THR B 210 13.91 -26.70 1.60
N PRO B 211 12.90 -27.45 1.21
CA PRO B 211 11.54 -26.91 1.22
C PRO B 211 11.13 -26.44 2.60
N PHE B 212 10.15 -25.53 2.59
CA PHE B 212 9.59 -24.98 3.80
C PHE B 212 8.27 -25.70 4.06
N HIS B 213 8.18 -26.44 5.15
CA HIS B 213 7.00 -27.21 5.49
C HIS B 213 6.22 -26.56 6.62
N ALA B 214 4.91 -26.52 6.48
CA ALA B 214 4.08 -25.91 7.51
C ALA B 214 2.82 -26.77 7.67
N VAL B 215 1.96 -26.35 8.58
CA VAL B 215 0.63 -26.95 8.72
C VAL B 215 -0.42 -25.88 8.51
N LEU B 216 -1.30 -26.10 7.53
CA LEU B 216 -2.38 -25.16 7.26
C LEU B 216 -3.58 -25.59 8.09
N LYS B 217 -4.08 -24.66 8.91
CA LYS B 217 -5.13 -24.95 9.88
C LYS B 217 -6.28 -23.98 9.69
N CYS B 218 -7.50 -24.51 9.75
CA CYS B 218 -8.72 -23.73 9.86
C CYS B 218 -9.49 -24.42 10.97
N GLY B 219 -9.32 -23.96 12.19
CA GLY B 219 -9.90 -24.67 13.32
C GLY B 219 -9.33 -26.06 13.36
N HIS B 220 -10.20 -27.07 13.39
CA HIS B 220 -9.74 -28.44 13.40
C HIS B 220 -9.43 -28.99 12.01
N LEU B 221 -9.75 -28.28 10.93
CA LEU B 221 -9.37 -28.77 9.60
C LEU B 221 -7.89 -28.46 9.36
N THR B 222 -7.10 -29.46 8.98
CA THR B 222 -5.66 -29.23 8.83
C THR B 222 -5.12 -29.95 7.60
N ALA B 223 -4.04 -29.40 7.04
CA ALA B 223 -3.28 -30.13 6.04
C ALA B 223 -1.80 -29.81 6.19
N ASP B 224 -0.96 -30.83 6.11
CA ASP B 224 0.48 -30.64 5.97
C ASP B 224 0.78 -30.09 4.59
N VAL B 225 1.59 -29.01 4.53
CA VAL B 225 1.80 -28.30 3.28
C VAL B 225 3.26 -27.85 3.14
N GLN B 226 3.63 -27.57 1.89
CA GLN B 226 4.84 -26.83 1.62
C GLN B 226 4.48 -25.44 1.11
N VAL B 227 5.29 -24.46 1.45
CA VAL B 227 5.10 -23.08 1.05
C VAL B 227 6.20 -22.76 0.04
N PHE B 228 5.86 -22.63 -1.24
CA PHE B 228 6.91 -22.38 -2.21
C PHE B 228 6.73 -21.04 -2.90
N PRO B 229 7.82 -20.27 -3.10
CA PRO B 229 9.17 -20.53 -2.60
C PRO B 229 9.28 -20.30 -1.11
N ARG B 230 10.36 -20.79 -0.51
CA ARG B 230 10.54 -20.63 0.90
C ARG B 230 10.62 -19.14 1.21
N PRO B 231 9.76 -18.60 2.06
CA PRO B 231 9.74 -17.14 2.24
C PRO B 231 11.04 -16.68 2.88
N GLU B 232 11.51 -15.51 2.44
CA GLU B 232 12.76 -14.94 2.94
C GLU B 232 12.51 -14.28 4.30
N PRO B 233 13.47 -14.39 5.21
CA PRO B 233 13.30 -13.78 6.53
C PRO B 233 13.34 -12.27 6.46
N PHE B 234 12.35 -11.65 7.06
CA PHE B 234 12.09 -10.23 6.90
C PHE B 234 12.68 -9.49 8.09
N VAL B 235 13.34 -8.36 7.84
CA VAL B 235 13.76 -7.45 8.90
C VAL B 235 13.01 -6.14 8.75
N VAL B 236 12.37 -5.68 9.82
CA VAL B 236 11.57 -4.46 9.74
C VAL B 236 12.49 -3.24 9.70
N ASP B 237 13.11 -2.95 10.84
CA ASP B 237 13.85 -1.70 11.02
C ASP B 237 15.09 -2.07 11.83
N GLU B 238 16.26 -2.10 11.18
CA GLU B 238 17.48 -2.57 11.83
C GLU B 238 17.74 -1.88 13.17
N GLU B 239 17.14 -0.72 13.41
CA GLU B 239 17.24 -0.02 14.68
C GLU B 239 16.05 -0.30 15.60
N ILE B 240 14.85 -0.04 15.10
CA ILE B 240 13.67 -0.10 15.97
C ILE B 240 13.24 -1.54 16.25
N ASP B 241 13.45 -2.47 15.29
CA ASP B 241 13.06 -3.88 15.41
C ASP B 241 13.95 -4.76 14.52
N PRO B 242 15.11 -5.21 15.02
CA PRO B 242 16.11 -5.85 14.14
C PRO B 242 15.98 -7.35 13.97
N ILE B 243 15.13 -8.01 14.75
CA ILE B 243 15.01 -9.46 14.71
C ILE B 243 14.35 -9.92 13.41
N PRO B 244 15.00 -10.79 12.65
CA PRO B 244 14.37 -11.31 11.43
C PRO B 244 13.11 -12.08 11.77
N LYS B 245 12.10 -11.95 10.90
CA LYS B 245 10.82 -12.59 11.09
C LYS B 245 10.71 -13.77 10.13
N VAL B 246 10.32 -14.93 10.66
CA VAL B 246 9.95 -16.04 9.81
C VAL B 246 8.50 -16.40 10.10
N ILE B 247 7.79 -16.89 9.08
CA ILE B 247 6.37 -17.11 9.35
C ILE B 247 6.24 -18.31 10.28
N ASN B 248 5.22 -18.27 11.12
CA ASN B 248 4.88 -19.42 11.95
C ASN B 248 4.69 -20.63 11.07
N THR B 249 5.06 -21.81 11.58
CA THR B 249 4.80 -23.00 10.78
C THR B 249 3.37 -23.49 10.91
N ASP B 250 2.65 -23.10 11.95
CA ASP B 250 1.21 -23.29 12.02
C ASP B 250 0.54 -22.08 11.40
N LEU B 251 0.09 -22.23 10.15
CA LEU B 251 -0.63 -21.18 9.43
C LEU B 251 -2.11 -21.26 9.80
N GLU B 252 -2.50 -20.45 10.79
CA GLU B 252 -3.86 -20.45 11.32
C GLU B 252 -4.71 -19.47 10.53
N ILE B 253 -5.72 -19.99 9.84
CA ILE B 253 -6.77 -19.16 9.29
C ILE B 253 -7.59 -18.58 10.44
N VAL B 254 -7.88 -17.29 10.37
CA VAL B 254 -8.65 -16.60 11.40
C VAL B 254 -9.97 -16.05 10.90
N GLY B 255 -10.26 -16.15 9.61
CA GLY B 255 -11.48 -15.56 9.11
C GLY B 255 -11.37 -15.39 7.62
N PHE B 256 -12.49 -14.97 7.02
CA PHE B 256 -12.59 -14.84 5.59
C PHE B 256 -13.05 -13.43 5.25
N ILE B 257 -12.65 -12.96 4.07
CA ILE B 257 -12.93 -11.60 3.60
C ILE B 257 -13.19 -11.68 2.10
N ASP B 258 -14.19 -10.95 1.63
CA ASP B 258 -14.58 -11.03 0.22
C ASP B 258 -13.53 -10.34 -0.65
N ILE B 259 -13.28 -10.91 -1.84
CA ILE B 259 -12.21 -10.39 -2.69
C ILE B 259 -12.38 -8.91 -2.96
N ALA B 260 -13.62 -8.43 -3.05
CA ALA B 260 -13.87 -7.04 -3.32
C ALA B 260 -13.49 -6.15 -2.15
N ASP B 261 -13.52 -6.69 -0.94
CA ASP B 261 -13.14 -5.91 0.24
C ASP B 261 -11.62 -5.93 0.45
N ILE B 262 -10.93 -7.02 0.11
CA ILE B 262 -9.49 -6.99 0.27
C ILE B 262 -8.88 -5.99 -0.73
N SER B 263 -9.49 -5.84 -1.91
CA SER B 263 -9.14 -4.86 -2.94
C SER B 263 -7.63 -4.78 -3.23
N SER B 264 -7.09 -5.86 -3.79
CA SER B 264 -5.75 -5.90 -4.37
C SER B 264 -4.68 -5.32 -3.45
N PRO B 265 -4.54 -5.83 -2.21
CA PRO B 265 -3.67 -5.18 -1.26
C PRO B 265 -2.20 -5.34 -1.65
N PRO B 266 -1.35 -4.41 -1.25
CA PRO B 266 0.10 -4.59 -1.42
C PRO B 266 0.64 -5.66 -0.49
N VAL B 267 1.49 -6.53 -1.02
CA VAL B 267 1.99 -7.67 -0.24
C VAL B 267 3.50 -7.78 -0.42
N LEU B 268 4.13 -8.54 0.49
CA LEU B 268 5.59 -8.71 0.46
C LEU B 268 6.01 -9.68 -0.61
N SER B 269 5.18 -10.70 -0.87
CA SER B 269 5.56 -11.84 -1.68
C SER B 269 4.39 -12.80 -1.75
N ARG B 270 4.45 -13.66 -2.76
CA ARG B 270 3.39 -14.64 -3.02
C ARG B 270 3.97 -16.03 -3.07
N HIS B 271 3.18 -17.01 -2.65
CA HIS B 271 3.66 -18.37 -2.52
C HIS B 271 2.57 -19.33 -2.95
N LEU B 272 2.94 -20.43 -3.60
CA LEU B 272 2.03 -21.57 -3.68
C LEU B 272 2.00 -22.30 -2.33
N VAL B 273 0.82 -22.71 -1.93
CA VAL B 273 0.65 -23.60 -0.78
C VAL B 273 0.12 -24.93 -1.29
N LEU B 274 0.88 -26.00 -1.07
CA LEU B 274 0.65 -27.29 -1.70
C LEU B 274 0.70 -28.41 -0.65
N PRO B 275 -0.26 -29.34 -0.67
CA PRO B 275 -0.24 -30.44 0.29
C PRO B 275 0.88 -31.41 0.01
N ILE B 276 1.36 -32.08 1.06
CA ILE B 276 2.46 -33.03 1.00
C ILE B 276 2.07 -34.27 1.80
N ALA B 277 2.48 -35.43 1.32
CA ALA B 277 2.15 -36.65 2.01
C ALA B 277 3.28 -37.00 2.98
N LEU B 278 2.98 -37.01 4.28
CA LEU B 278 4.00 -37.27 5.28
C LEU B 278 3.82 -38.64 5.92
N ASN B 279 4.91 -39.13 6.51
CA ASN B 279 4.93 -40.40 7.22
C ASN B 279 5.14 -40.15 8.71
N LYS B 280 5.03 -41.23 9.49
CA LYS B 280 5.24 -41.12 10.93
C LYS B 280 6.55 -40.41 11.25
N GLU B 281 7.61 -40.68 10.46
CA GLU B 281 8.93 -40.10 10.66
C GLU B 281 9.07 -38.67 10.12
N GLY B 282 7.96 -38.02 9.77
CA GLY B 282 8.02 -36.73 9.09
C GLY B 282 8.47 -36.85 7.66
N ASP B 283 8.21 -37.99 7.03
CA ASP B 283 8.84 -38.38 5.77
C ASP B 283 7.87 -38.08 4.63
N GLU B 284 8.17 -37.06 3.84
CA GLU B 284 7.48 -36.90 2.57
C GLU B 284 7.67 -38.16 1.75
N VAL B 285 6.57 -38.87 1.46
CA VAL B 285 6.64 -40.21 0.86
C VAL B 285 6.80 -40.22 -0.68
N GLU B 296 6.39 -41.78 -6.30
CA GLU B 296 6.87 -43.16 -6.31
C GLU B 296 6.18 -44.00 -7.39
N ASN B 297 5.33 -43.35 -8.19
CA ASN B 297 4.43 -43.92 -9.19
C ASN B 297 3.28 -44.70 -8.56
N SER B 298 3.25 -44.82 -7.23
CA SER B 298 2.17 -45.46 -6.49
C SER B 298 1.82 -44.71 -5.20
N ALA B 299 2.65 -43.75 -4.77
CA ALA B 299 2.42 -43.05 -3.51
C ALA B 299 1.44 -41.90 -3.68
N ASN B 300 1.59 -41.09 -4.72
CA ASN B 300 0.60 -40.07 -5.00
C ASN B 300 -0.70 -40.66 -5.51
N GLN B 301 -0.71 -41.95 -5.85
CA GLN B 301 -1.98 -42.63 -6.14
C GLN B 301 -2.82 -42.75 -4.86
N ILE B 302 -2.28 -43.40 -3.82
CA ILE B 302 -3.02 -43.55 -2.56
C ILE B 302 -3.15 -42.20 -1.84
N ALA B 303 -2.21 -41.28 -2.07
CA ALA B 303 -2.37 -39.94 -1.50
C ALA B 303 -3.50 -39.17 -2.20
N GLY B 304 -3.71 -39.46 -3.49
CA GLY B 304 -4.74 -38.80 -4.28
C GLY B 304 -6.15 -39.16 -3.87
N LYS B 305 -6.34 -40.31 -3.23
CA LYS B 305 -7.64 -40.77 -2.78
C LYS B 305 -7.95 -40.41 -1.33
N ILE B 306 -7.08 -39.67 -0.64
CA ILE B 306 -7.29 -39.25 0.74
C ILE B 306 -7.75 -37.80 0.74
N PRO B 307 -8.95 -37.50 1.20
CA PRO B 307 -9.45 -36.11 1.10
C PRO B 307 -8.51 -35.15 1.82
N ASN B 308 -8.28 -34.01 1.19
CA ASN B 308 -7.30 -33.05 1.65
C ASN B 308 -7.89 -31.65 1.81
N PHE B 309 -7.64 -31.03 2.97
CA PHE B 309 -8.22 -29.72 3.26
C PHE B 309 -7.76 -28.65 2.27
N CYS B 310 -6.58 -28.80 1.66
CA CYS B 310 -6.14 -27.81 0.67
C CYS B 310 -7.11 -27.73 -0.48
N VAL B 311 -7.59 -28.89 -0.95
CA VAL B 311 -8.46 -28.90 -2.11
C VAL B 311 -9.80 -28.28 -1.77
N LEU B 312 -10.36 -28.68 -0.63
CA LEU B 312 -11.60 -28.09 -0.16
C LEU B 312 -11.48 -26.58 -0.08
N LEU B 313 -10.48 -26.09 0.67
CA LEU B 313 -10.30 -24.65 0.84
C LEU B 313 -10.11 -23.95 -0.51
N HIS B 314 -9.21 -24.47 -1.34
CA HIS B 314 -8.98 -23.82 -2.62
C HIS B 314 -10.26 -23.74 -3.44
N GLY B 315 -11.00 -24.84 -3.55
CA GLY B 315 -12.19 -24.84 -4.40
C GLY B 315 -13.24 -23.86 -3.92
N SER B 316 -13.49 -23.85 -2.60
CA SER B 316 -14.44 -22.91 -2.02
C SER B 316 -14.01 -21.47 -2.23
N LEU B 317 -12.72 -21.16 -1.95
CA LEU B 317 -12.21 -19.82 -2.17
C LEU B 317 -12.48 -19.33 -3.59
N LYS B 318 -12.21 -20.19 -4.59
CA LYS B 318 -12.46 -19.79 -5.97
C LYS B 318 -13.94 -19.57 -6.21
N VAL B 319 -14.76 -20.51 -5.76
CA VAL B 319 -16.18 -20.43 -6.05
C VAL B 319 -16.80 -19.25 -5.32
N GLU B 320 -16.40 -19.02 -4.08
CA GLU B 320 -16.99 -17.93 -3.33
C GLU B 320 -16.37 -16.57 -3.65
N GLY B 321 -15.26 -16.54 -4.38
CA GLY B 321 -14.49 -15.32 -4.55
C GLY B 321 -14.04 -14.72 -3.23
N MET B 322 -13.35 -15.47 -2.37
CA MET B 322 -12.94 -14.94 -1.08
C MET B 322 -11.44 -15.14 -0.88
N VAL B 323 -10.93 -14.56 0.20
CA VAL B 323 -9.59 -14.85 0.70
C VAL B 323 -9.72 -15.26 2.15
N ALA B 324 -8.78 -16.06 2.59
CA ALA B 324 -8.71 -16.49 3.98
C ALA B 324 -7.58 -15.70 4.62
N ILE B 325 -7.89 -14.95 5.66
CA ILE B 325 -6.89 -14.23 6.41
C ILE B 325 -6.14 -15.22 7.29
N VAL B 326 -4.81 -15.16 7.28
CA VAL B 326 -4.03 -16.14 8.02
C VAL B 326 -3.00 -15.41 8.87
N GLN B 327 -2.86 -15.88 10.11
CA GLN B 327 -1.88 -15.37 11.05
C GLN B 327 -0.50 -15.97 10.78
N LEU B 328 0.48 -15.11 10.48
CA LEU B 328 1.86 -15.52 10.25
C LEU B 328 2.70 -15.46 11.52
N GLY B 329 2.38 -14.53 12.41
CA GLY B 329 2.94 -14.49 13.72
C GLY B 329 2.24 -13.38 14.47
N PRO B 330 2.70 -13.09 15.69
CA PRO B 330 2.10 -11.99 16.46
C PRO B 330 2.23 -10.68 15.69
N GLU B 331 1.08 -10.06 15.44
CA GLU B 331 0.99 -8.84 14.62
C GLU B 331 1.59 -9.00 13.23
N TRP B 332 1.29 -10.12 12.57
CA TRP B 332 1.70 -10.34 11.19
C TRP B 332 0.65 -11.22 10.53
N HIS B 333 0.06 -10.78 9.43
CA HIS B 333 -1.01 -11.54 8.80
C HIS B 333 -0.77 -11.60 7.30
N GLY B 334 -1.53 -12.48 6.66
CA GLY B 334 -1.49 -12.69 5.23
C GLY B 334 -2.80 -13.28 4.75
N MET B 335 -2.86 -13.59 3.46
CA MET B 335 -4.11 -14.09 2.93
C MET B 335 -3.84 -15.27 2.01
N LEU B 336 -4.76 -16.23 2.05
CA LEU B 336 -4.81 -17.33 1.10
C LEU B 336 -5.95 -17.13 0.11
N TYR B 337 -5.74 -17.52 -1.13
CA TYR B 337 -6.67 -17.19 -2.19
C TYR B 337 -6.36 -18.10 -3.37
N SER B 338 -7.23 -18.09 -4.37
CA SER B 338 -7.01 -18.89 -5.55
C SER B 338 -6.67 -17.96 -6.70
N GLN B 339 -6.08 -18.52 -7.76
CA GLN B 339 -5.73 -17.74 -8.95
C GLN B 339 -6.96 -17.04 -9.57
N ALA B 340 -6.85 -15.72 -9.76
CA ALA B 340 -7.98 -14.85 -10.09
C ALA B 340 -8.20 -14.68 -11.60
N ASP B 341 -7.17 -14.85 -12.42
CA ASP B 341 -7.35 -14.95 -13.86
C ASP B 341 -7.94 -16.32 -14.18
N SER B 342 -9.11 -16.36 -14.80
CA SER B 342 -9.83 -17.61 -15.02
C SER B 342 -9.27 -18.46 -16.16
N LYS B 343 -8.33 -17.94 -16.96
CA LYS B 343 -7.78 -18.68 -18.10
C LYS B 343 -6.47 -19.40 -17.77
N LYS B 344 -5.99 -19.29 -16.55
CA LYS B 344 -4.78 -20.00 -16.15
C LYS B 344 -5.17 -21.12 -15.20
N LYS B 345 -4.27 -22.10 -15.06
CA LYS B 345 -4.44 -23.07 -14.00
C LYS B 345 -4.53 -22.34 -12.68
N SER B 346 -5.35 -22.86 -11.79
CA SER B 346 -5.39 -22.30 -10.45
C SER B 346 -4.94 -23.34 -9.45
N ASN B 347 -4.31 -22.84 -8.39
CA ASN B 347 -4.06 -23.64 -7.20
C ASN B 347 -3.94 -22.66 -6.04
N LEU B 348 -3.80 -23.19 -4.84
CA LEU B 348 -3.88 -22.36 -3.64
C LEU B 348 -2.62 -21.51 -3.47
N MET B 349 -2.79 -20.23 -3.15
CA MET B 349 -1.68 -19.31 -3.00
C MET B 349 -1.81 -18.49 -1.74
N MET B 350 -0.68 -17.98 -1.26
CA MET B 350 -0.64 -17.16 -0.05
C MET B 350 0.21 -15.95 -0.35
N SER B 351 -0.27 -14.76 0.03
CA SER B 351 0.55 -13.56 0.04
C SER B 351 0.75 -13.12 1.49
N LEU B 352 1.92 -12.58 1.80
CA LEU B 352 2.19 -12.08 3.14
C LEU B 352 2.02 -10.56 3.17
N PHE B 353 1.31 -10.07 4.19
CA PHE B 353 1.24 -8.62 4.31
C PHE B 353 2.50 -8.08 4.97
N GLU B 354 2.62 -6.75 4.97
CA GLU B 354 3.71 -6.15 5.71
C GLU B 354 3.45 -6.35 7.20
N PRO B 355 4.44 -6.79 7.96
CA PRO B 355 4.23 -7.01 9.39
C PRO B 355 3.67 -5.77 10.05
N GLY B 356 2.90 -5.98 11.11
CA GLY B 356 2.32 -4.89 11.85
C GLY B 356 0.83 -5.04 12.03
N PRO B 357 0.27 -4.16 12.85
CA PRO B 357 -1.09 -4.35 13.37
C PRO B 357 -2.18 -3.83 12.44
N GLU B 358 -1.80 -2.96 11.48
CA GLU B 358 -2.72 -2.35 10.52
C GLU B 358 -2.08 -2.17 9.14
N PRO B 359 -1.68 -3.24 8.48
CA PRO B 359 -1.13 -3.09 7.11
C PRO B 359 -2.11 -2.49 6.11
N LEU B 360 -3.40 -2.75 6.21
CA LEU B 360 -4.33 -2.27 5.19
C LEU B 360 -5.30 -1.29 5.82
N PRO B 361 -5.16 0.01 5.54
CA PRO B 361 -6.05 1.00 6.19
C PRO B 361 -7.53 0.68 6.06
N TRP B 362 -7.95 0.19 4.90
CA TRP B 362 -9.37 0.01 4.66
C TRP B 362 -9.98 -1.13 5.46
N LEU B 363 -9.18 -2.09 5.95
CA LEU B 363 -9.65 -3.08 6.92
C LEU B 363 -9.49 -2.66 8.37
N GLY B 364 -8.69 -1.65 8.65
CA GLY B 364 -8.43 -1.31 10.02
C GLY B 364 -7.44 -2.27 10.65
N LYS B 365 -7.38 -2.23 11.97
CA LYS B 365 -6.46 -3.05 12.72
C LYS B 365 -6.89 -4.53 12.66
N MET B 366 -5.98 -5.41 12.20
CA MET B 366 -6.34 -6.82 12.05
C MET B 366 -6.92 -7.40 13.34
N ALA B 367 -6.40 -6.97 14.48
CA ALA B 367 -6.84 -7.59 15.72
C ALA B 367 -8.26 -7.20 16.09
N GLN B 368 -8.76 -6.10 15.50
CA GLN B 368 -10.12 -5.66 15.75
C GLN B 368 -11.09 -6.16 14.70
N LEU B 369 -10.62 -6.96 13.75
CA LEU B 369 -11.52 -7.74 12.89
C LEU B 369 -12.12 -8.88 13.69
N GLY B 370 -13.45 -8.92 13.76
CA GLY B 370 -14.10 -9.94 14.55
C GLY B 370 -15.18 -10.71 13.81
N PRO B 371 -15.83 -11.62 14.53
CA PRO B 371 -16.89 -12.42 13.91
C PRO B 371 -18.22 -11.67 13.85
N ILE B 372 -18.95 -11.89 12.74
CA ILE B 372 -20.27 -11.27 12.55
C ILE B 372 -21.18 -11.56 13.72
N SER B 373 -21.12 -12.78 14.26
CA SER B 373 -21.99 -13.15 15.39
C SER B 373 -21.90 -12.17 16.55
N ASP B 374 -20.77 -11.48 16.70
CA ASP B 374 -20.57 -10.54 17.79
C ASP B 374 -21.07 -9.13 17.48
N ALA B 375 -21.39 -8.84 16.23
CA ALA B 375 -21.90 -7.53 15.86
C ALA B 375 -23.39 -7.39 16.18
N LYS B 376 -23.82 -6.15 16.44
CA LYS B 376 -25.21 -5.87 16.77
C LYS B 376 -26.13 -6.21 15.60
N GLU B 377 -25.93 -5.56 14.45
CA GLU B 377 -26.64 -5.88 13.22
C GLU B 377 -25.68 -6.61 12.27
N ASN B 378 -26.24 -7.27 11.27
CA ASN B 378 -25.33 -7.97 10.37
C ASN B 378 -24.68 -6.96 9.43
N PRO B 379 -23.38 -6.75 9.50
CA PRO B 379 -22.73 -5.73 8.65
C PRO B 379 -22.91 -5.94 7.17
N TYR B 380 -23.09 -7.19 6.73
CA TYR B 380 -23.15 -7.51 5.31
C TYR B 380 -24.57 -7.48 4.77
N GLY B 381 -25.54 -7.14 5.61
CA GLY B 381 -26.89 -6.93 5.10
C GLY B 381 -27.74 -8.17 5.24
N GLU B 382 -29.04 -7.94 5.52
CA GLU B 382 -29.98 -9.05 5.61
C GLU B 382 -30.03 -9.84 4.31
N ASP B 383 -29.83 -9.17 3.18
CA ASP B 383 -29.82 -9.81 1.86
C ASP B 383 -28.41 -9.91 1.29
N ASP B 384 -27.40 -9.96 2.15
CA ASP B 384 -25.98 -10.03 1.77
C ASP B 384 -25.70 -9.10 0.59
N ASN B 385 -26.02 -7.82 0.81
CA ASN B 385 -25.86 -6.79 -0.22
C ASN B 385 -25.10 -5.58 0.31
N LYS B 386 -24.55 -5.64 1.51
CA LYS B 386 -23.79 -4.55 2.09
C LYS B 386 -22.41 -5.06 2.50
N SER B 387 -21.55 -4.15 2.92
CA SER B 387 -20.28 -4.54 3.49
C SER B 387 -19.81 -3.52 4.49
N PRO B 388 -19.17 -3.96 5.57
CA PRO B 388 -18.59 -3.00 6.52
C PRO B 388 -17.34 -2.32 6.01
N PHE B 389 -16.73 -2.83 5.01
CA PHE B 389 -15.55 -2.34 4.33
C PHE B 389 -15.95 -1.53 3.12
N PRO B 390 -15.17 -0.50 2.72
CA PRO B 390 -13.92 -0.06 3.34
C PRO B 390 -14.14 0.87 4.51
N LEU B 391 -13.24 0.82 5.49
CA LEU B 391 -13.21 1.89 6.46
C LEU B 391 -12.77 3.17 5.77
N GLN B 392 -13.23 4.28 6.28
CA GLN B 392 -12.71 5.48 5.64
C GLN B 392 -11.74 6.21 6.56
N PRO B 393 -10.75 6.89 6.01
CA PRO B 393 -9.84 7.65 6.86
C PRO B 393 -10.58 8.68 7.68
N LYS B 394 -10.01 8.98 8.85
CA LYS B 394 -10.63 9.94 9.76
C LYS B 394 -10.86 11.27 9.10
N ASN B 395 -9.95 11.69 8.21
CA ASN B 395 -10.04 13.01 7.59
C ASN B 395 -9.96 12.88 6.08
N LYS B 396 -10.73 13.70 5.38
CA LYS B 396 -10.82 13.59 3.94
C LYS B 396 -9.56 14.15 3.30
N ARG B 397 -9.09 13.46 2.26
CA ARG B 397 -8.05 14.01 1.43
C ARG B 397 -8.61 15.15 0.59
N SER B 398 -7.72 15.89 -0.08
CA SER B 398 -8.11 17.18 -0.65
C SER B 398 -8.94 17.03 -1.91
N TYR B 399 -8.87 15.88 -2.58
CA TYR B 399 -9.64 15.63 -3.78
C TYR B 399 -11.00 15.06 -3.47
N ALA B 400 -11.35 14.99 -2.19
CA ALA B 400 -12.57 14.37 -1.71
C ALA B 400 -13.34 15.34 -0.81
N GLN B 401 -13.25 16.62 -1.17
CA GLN B 401 -13.47 17.70 -0.24
C GLN B 401 -13.19 18.97 -1.03
N ASN B 402 -13.98 20.00 -0.85
CA ASN B 402 -13.75 21.18 -1.64
C ASN B 402 -12.50 21.88 -1.14
N VAL B 403 -11.58 22.17 -2.04
CA VAL B 403 -10.42 22.97 -1.68
C VAL B 403 -10.29 24.10 -2.67
N THR B 404 -9.75 25.21 -2.21
CA THR B 404 -9.56 26.38 -3.06
C THR B 404 -8.10 26.47 -3.42
N VAL B 405 -7.82 26.58 -4.72
CA VAL B 405 -6.46 26.66 -5.24
C VAL B 405 -6.44 27.67 -6.36
N TRP B 406 -5.76 28.80 -6.14
CA TRP B 406 -5.81 29.91 -7.08
C TRP B 406 -4.44 30.25 -7.67
N ILE B 407 -3.48 29.32 -7.61
CA ILE B 407 -2.17 29.60 -8.19
C ILE B 407 -2.26 29.75 -9.70
N LYS B 408 -3.05 28.89 -10.37
CA LYS B 408 -3.20 29.05 -11.81
C LYS B 408 -4.38 29.95 -12.12
N PRO B 409 -4.23 30.90 -13.06
CA PRO B 409 -5.35 31.80 -13.37
C PRO B 409 -6.58 31.06 -13.89
N SER B 410 -6.40 29.87 -14.46
CA SER B 410 -7.55 29.03 -14.79
C SER B 410 -8.35 28.70 -13.54
N GLY B 411 -7.68 28.33 -12.45
CA GLY B 411 -8.38 27.94 -11.23
C GLY B 411 -9.14 29.08 -10.60
N LEU B 412 -8.72 30.31 -10.83
CA LEU B 412 -9.52 31.43 -10.34
C LEU B 412 -10.73 31.63 -11.22
N GLN B 413 -10.54 31.58 -12.54
CA GLN B 413 -11.64 31.82 -13.48
C GLN B 413 -12.75 30.79 -13.29
N THR B 414 -12.39 29.54 -13.03
CA THR B 414 -13.43 28.52 -12.92
C THR B 414 -14.29 28.73 -11.67
N ASP B 415 -13.66 29.12 -10.56
CA ASP B 415 -14.45 29.48 -9.37
C ASP B 415 -15.28 30.73 -9.62
N VAL B 416 -14.82 31.63 -10.49
CA VAL B 416 -15.58 32.82 -10.84
C VAL B 416 -16.77 32.46 -11.72
N GLN B 417 -16.51 31.74 -12.83
CA GLN B 417 -17.60 31.35 -13.72
C GLN B 417 -18.60 30.45 -13.01
N LYS B 418 -18.15 29.70 -12.00
CA LYS B 418 -19.10 28.90 -11.22
C LYS B 418 -20.08 29.79 -10.48
N ILE B 419 -19.58 30.82 -9.80
CA ILE B 419 -20.45 31.75 -9.09
C ILE B 419 -21.38 32.49 -10.05
N LEU B 420 -20.92 32.81 -11.27
CA LEU B 420 -21.77 33.53 -12.21
C LEU B 420 -22.85 32.64 -12.82
N ARG B 421 -22.47 31.41 -13.22
CA ARG B 421 -23.46 30.51 -13.79
C ARG B 421 -24.68 30.39 -12.88
N ASN B 422 -24.44 30.24 -11.57
CA ASN B 422 -25.55 30.14 -10.62
C ASN B 422 -26.18 31.49 -10.35
N ALA B 423 -25.41 32.58 -10.44
CA ALA B 423 -25.99 33.91 -10.23
C ALA B 423 -27.10 34.21 -11.23
N ARG B 424 -26.97 33.70 -12.46
CA ARG B 424 -28.01 33.95 -13.46
C ARG B 424 -29.26 33.15 -13.16
N LYS B 425 -29.10 31.88 -12.78
CA LYS B 425 -30.20 30.98 -12.44
C LYS B 425 -30.83 31.27 -11.08
N LEU B 426 -31.11 32.61 -10.75
CA LEU B 426 -31.79 32.90 -9.49
C LEU B 426 -33.28 33.11 -9.71
N PRO B 427 -34.14 32.71 -8.75
CA PRO B 427 -33.80 32.25 -7.41
C PRO B 427 -33.73 30.74 -7.26
N GLU B 428 -33.76 30.01 -8.38
CA GLU B 428 -33.77 28.56 -8.31
C GLU B 428 -32.54 28.03 -7.57
N LYS B 429 -31.40 28.66 -7.77
CA LYS B 429 -30.14 28.17 -7.26
C LYS B 429 -29.50 29.14 -6.26
N THR B 430 -30.30 29.76 -5.38
CA THR B 430 -29.69 30.65 -4.40
C THR B 430 -28.80 29.86 -3.45
N GLN B 431 -29.16 28.61 -3.14
CA GLN B 431 -28.35 27.77 -2.27
C GLN B 431 -26.91 27.67 -2.76
N THR B 432 -26.73 27.05 -3.93
CA THR B 432 -25.38 26.91 -4.46
C THR B 432 -24.78 28.27 -4.79
N PHE B 433 -25.59 29.24 -5.22
CA PHE B 433 -25.06 30.60 -5.38
C PHE B 433 -24.37 31.06 -4.09
N TYR B 434 -25.07 31.00 -2.96
CA TYR B 434 -24.49 31.47 -1.71
C TYR B 434 -23.46 30.50 -1.11
N LYS B 435 -23.49 29.23 -1.49
CA LYS B 435 -22.40 28.34 -1.08
C LYS B 435 -21.13 28.69 -1.84
N GLU B 436 -21.22 28.77 -3.18
CA GLU B 436 -20.06 29.17 -3.97
C GLU B 436 -19.55 30.54 -3.56
N LEU B 437 -20.47 31.47 -3.31
CA LEU B 437 -20.07 32.82 -2.94
C LEU B 437 -19.30 32.83 -1.61
N ASN B 438 -19.78 32.09 -0.61
CA ASN B 438 -19.11 32.16 0.69
C ASN B 438 -17.77 31.43 0.67
N ARG B 439 -17.67 30.38 -0.16
CA ARG B 439 -16.37 29.76 -0.37
C ARG B 439 -15.36 30.76 -0.88
N LEU B 440 -15.70 31.48 -1.95
CA LEU B 440 -14.75 32.47 -2.47
C LEU B 440 -14.48 33.55 -1.44
N ARG B 441 -15.47 33.90 -0.62
CA ARG B 441 -15.21 34.90 0.40
C ARG B 441 -14.20 34.39 1.43
N LYS B 442 -14.41 33.15 1.91
CA LYS B 442 -13.55 32.64 2.97
C LYS B 442 -12.12 32.46 2.48
N ALA B 443 -11.94 31.91 1.27
CA ALA B 443 -10.61 31.73 0.73
C ALA B 443 -9.91 33.05 0.50
N ALA B 444 -10.64 34.06 0.04
CA ALA B 444 -10.03 35.36 -0.20
C ALA B 444 -9.54 35.97 1.09
N LEU B 445 -10.29 35.78 2.19
CA LEU B 445 -9.85 36.30 3.48
C LEU B 445 -8.68 35.50 4.05
N ALA B 446 -8.65 34.18 3.80
CA ALA B 446 -7.52 33.39 4.28
C ALA B 446 -6.23 33.82 3.60
N PHE B 447 -6.27 33.99 2.28
CA PHE B 447 -5.10 34.36 1.50
C PHE B 447 -4.75 35.83 1.59
N GLY B 448 -5.67 36.66 2.12
CA GLY B 448 -5.47 38.10 2.09
C GLY B 448 -5.55 38.65 0.69
N PHE B 449 -6.50 38.17 -0.10
CA PHE B 449 -6.67 38.58 -1.48
C PHE B 449 -7.93 39.43 -1.57
N LEU B 450 -7.90 40.59 -0.92
CA LEU B 450 -9.12 41.36 -0.75
C LEU B 450 -9.56 42.03 -2.03
N ASP B 451 -8.60 42.43 -2.89
CA ASP B 451 -8.93 42.93 -4.22
C ASP B 451 -9.89 42.00 -4.98
N LEU B 452 -9.75 40.68 -4.80
CA LEU B 452 -10.66 39.77 -5.47
C LEU B 452 -12.10 39.95 -5.01
N LEU B 453 -12.29 40.31 -3.73
CA LEU B 453 -13.64 40.49 -3.24
C LEU B 453 -14.32 41.67 -3.93
N LYS B 454 -13.60 42.79 -4.07
CA LYS B 454 -14.15 43.92 -4.79
C LYS B 454 -14.37 43.57 -6.25
N GLY B 455 -13.47 42.78 -6.83
CA GLY B 455 -13.58 42.44 -8.24
C GLY B 455 -14.80 41.60 -8.55
N VAL B 456 -15.08 40.61 -7.70
CA VAL B 456 -16.28 39.80 -7.89
C VAL B 456 -17.53 40.63 -7.65
N ALA B 457 -17.56 41.35 -6.52
CA ALA B 457 -18.68 42.23 -6.21
C ALA B 457 -19.03 43.10 -7.40
N ASP B 458 -18.01 43.56 -8.14
CA ASP B 458 -18.28 44.37 -9.32
C ASP B 458 -18.87 43.54 -10.46
N MET B 459 -18.37 42.32 -10.67
CA MET B 459 -18.98 41.44 -11.68
C MET B 459 -20.44 41.16 -11.35
N LEU B 460 -20.74 40.89 -10.08
CA LEU B 460 -22.12 40.62 -9.67
C LEU B 460 -23.05 41.79 -9.97
N GLU B 461 -22.61 43.02 -9.66
CA GLU B 461 -23.51 44.15 -9.86
C GLU B 461 -23.66 44.48 -11.35
N ARG B 462 -22.69 44.09 -12.18
CA ARG B 462 -22.89 44.14 -13.62
C ARG B 462 -23.98 43.15 -14.04
N GLU B 463 -23.90 41.91 -13.53
CA GLU B 463 -24.94 40.92 -13.79
C GLU B 463 -26.33 41.45 -13.46
N CYS B 464 -26.47 42.05 -12.27
CA CYS B 464 -27.74 42.66 -11.89
C CYS B 464 -28.17 43.68 -12.92
N THR B 465 -27.21 44.46 -13.43
CA THR B 465 -27.52 45.45 -14.46
C THR B 465 -27.99 44.79 -15.75
N LEU B 466 -27.28 43.74 -16.16
CA LEU B 466 -27.50 43.09 -17.45
C LEU B 466 -28.67 42.12 -17.44
N LEU B 467 -29.35 41.93 -16.29
CA LEU B 467 -30.41 40.94 -16.19
C LEU B 467 -31.46 41.15 -17.29
N PRO B 468 -32.08 40.08 -17.77
CA PRO B 468 -33.16 40.21 -18.75
C PRO B 468 -34.49 40.49 -18.08
N GLU B 469 -35.38 41.17 -18.82
CA GLU B 469 -36.63 41.58 -18.20
C GLU B 469 -37.59 40.43 -17.93
N THR B 470 -37.21 39.20 -18.23
CA THR B 470 -38.00 38.04 -17.85
C THR B 470 -37.52 37.43 -16.54
N ALA B 471 -36.51 38.01 -15.90
CA ALA B 471 -35.90 37.41 -14.72
C ALA B 471 -36.87 37.42 -13.56
N HIS B 472 -36.86 36.35 -12.78
CA HIS B 472 -37.61 36.36 -11.54
C HIS B 472 -37.20 37.58 -10.74
N PRO B 473 -38.14 38.31 -10.14
CA PRO B 473 -37.76 39.58 -9.52
C PRO B 473 -36.76 39.42 -8.40
N ASP B 474 -36.70 38.24 -7.78
CA ASP B 474 -35.77 38.00 -6.68
C ASP B 474 -34.31 37.99 -7.11
N ALA B 475 -34.03 37.76 -8.40
CA ALA B 475 -32.65 37.72 -8.86
C ALA B 475 -31.92 39.02 -8.58
N ALA B 476 -32.57 40.16 -8.83
CA ALA B 476 -31.86 41.43 -8.65
C ALA B 476 -31.65 41.75 -7.17
N PHE B 477 -32.62 41.40 -6.32
CA PHE B 477 -32.43 41.66 -4.88
C PHE B 477 -31.27 40.85 -4.33
N GLN B 478 -31.13 39.59 -4.76
CA GLN B 478 -30.05 38.75 -4.25
C GLN B 478 -28.69 39.17 -4.81
N LEU B 479 -28.64 39.51 -6.11
CA LEU B 479 -27.36 39.88 -6.72
C LEU B 479 -26.78 41.14 -6.09
N THR B 480 -27.61 42.17 -5.84
CA THR B 480 -27.02 43.37 -5.24
C THR B 480 -26.73 43.19 -3.75
N HIS B 481 -27.55 42.42 -3.03
CA HIS B 481 -27.25 42.12 -1.64
C HIS B 481 -25.95 41.32 -1.53
N ALA B 482 -25.74 40.37 -2.45
CA ALA B 482 -24.46 39.68 -2.46
C ALA B 482 -23.32 40.63 -2.82
N ALA B 483 -23.50 41.46 -3.85
CA ALA B 483 -22.41 42.32 -4.25
C ALA B 483 -22.09 43.37 -3.19
N GLN B 484 -23.10 43.77 -2.41
CA GLN B 484 -22.83 44.76 -1.37
C GLN B 484 -22.15 44.13 -0.16
N GLN B 485 -22.60 42.94 0.25
CA GLN B 485 -21.97 42.24 1.37
C GLN B 485 -20.53 41.83 1.03
N LEU B 486 -20.26 41.55 -0.24
CA LEU B 486 -18.91 41.17 -0.64
C LEU B 486 -17.97 42.37 -0.62
N LYS B 487 -18.46 43.56 -0.99
CA LYS B 487 -17.58 44.72 -0.87
C LYS B 487 -17.35 45.09 0.58
N LEU B 488 -18.35 44.94 1.45
CA LEU B 488 -18.13 45.22 2.86
C LEU B 488 -17.05 44.31 3.46
N ALA B 489 -16.86 43.11 2.89
CA ALA B 489 -15.80 42.23 3.36
C ALA B 489 -14.42 42.66 2.85
N SER B 490 -14.37 43.37 1.71
CA SER B 490 -13.13 44.01 1.26
C SER B 490 -12.64 45.03 2.28
N THR B 491 -13.57 45.82 2.83
CA THR B 491 -13.25 46.82 3.84
C THR B 491 -12.39 46.26 4.96
N GLY B 492 -12.49 44.97 5.26
CA GLY B 492 -11.75 44.39 6.36
C GLY B 492 -12.19 44.90 7.71
N THR B 493 -13.06 45.91 7.72
CA THR B 493 -13.42 46.67 8.92
C THR B 493 -14.46 45.90 9.73
N SER B 494 -14.01 44.73 10.23
CA SER B 494 -14.78 43.78 11.03
C SER B 494 -16.28 43.79 10.73
N GLU B 495 -16.65 43.84 9.44
CA GLU B 495 -18.03 43.63 9.01
C GLU B 495 -18.21 42.14 8.76
N TYR B 496 -18.73 41.77 7.58
CA TYR B 496 -18.70 40.37 7.15
C TYR B 496 -17.25 39.89 6.85
N ALA B 497 -16.30 40.79 7.19
CA ALA B 497 -14.88 40.51 7.11
C ALA B 497 -14.45 39.34 7.98
N ALA B 498 -15.28 38.96 8.98
CA ALA B 498 -14.97 37.82 9.83
C ALA B 498 -15.09 36.50 9.04
N TYR B 499 -14.20 35.55 9.35
CA TYR B 499 -14.15 34.31 8.59
C TYR B 499 -15.44 33.50 8.75
N ASP B 500 -16.04 33.52 9.95
CA ASP B 500 -17.24 32.74 10.19
C ASP B 500 -18.48 33.37 9.59
N GLN B 501 -18.49 34.69 9.42
CA GLN B 501 -19.70 35.42 9.06
C GLN B 501 -20.04 35.19 7.60
N ASN B 502 -20.99 34.29 7.34
CA ASN B 502 -21.39 33.99 5.98
C ASN B 502 -22.41 34.99 5.45
N ILE B 503 -22.40 35.17 4.13
CA ILE B 503 -23.40 35.98 3.45
C ILE B 503 -24.67 35.16 3.24
N THR B 504 -25.76 35.60 3.83
CA THR B 504 -27.10 35.03 3.76
C THR B 504 -27.91 35.70 2.65
N PRO B 505 -28.81 34.96 2.00
CA PRO B 505 -29.78 35.60 1.10
C PRO B 505 -30.82 36.43 1.86
N LEU B 506 -31.32 37.47 1.20
CA LEU B 506 -32.45 38.23 1.71
C LEU B 506 -33.71 37.39 1.67
N HIS B 507 -34.56 37.54 2.69
CA HIS B 507 -35.81 36.77 2.78
C HIS B 507 -36.95 37.53 2.09
N THR B 508 -36.98 37.43 0.76
CA THR B 508 -37.95 38.15 -0.05
C THR B 508 -39.22 37.34 -0.27
N ASP B 509 -40.35 38.02 -0.23
CA ASP B 509 -41.66 37.38 -0.14
C ASP B 509 -42.37 37.26 -1.49
N PHE B 510 -41.66 36.93 -2.56
CA PHE B 510 -42.30 36.79 -3.86
C PHE B 510 -43.19 35.55 -3.87
N SER B 511 -44.49 35.78 -3.98
CA SER B 511 -45.50 34.72 -3.91
C SER B 511 -46.05 34.54 -5.32
N GLY B 512 -45.56 33.52 -6.01
CA GLY B 512 -46.03 33.18 -7.34
C GLY B 512 -44.95 32.52 -8.15
N SER B 513 -45.33 32.13 -9.37
CA SER B 513 -44.52 31.33 -10.29
C SER B 513 -43.06 31.81 -10.41
N ASP B 525 -25.26 23.34 -18.70
CA ASP B 525 -23.90 23.86 -18.88
C ASP B 525 -23.40 23.65 -20.31
N ILE B 526 -22.80 24.70 -20.88
CA ILE B 526 -22.36 24.74 -22.27
C ILE B 526 -20.84 24.97 -22.28
N GLY B 527 -20.06 23.88 -22.40
CA GLY B 527 -18.62 23.97 -22.45
C GLY B 527 -17.93 24.21 -21.12
N VAL B 528 -18.62 24.78 -20.14
CA VAL B 528 -18.06 25.02 -18.81
C VAL B 528 -18.68 24.08 -17.78
N GLY B 529 -19.27 22.97 -18.23
CA GLY B 529 -19.77 21.95 -17.34
C GLY B 529 -18.71 20.94 -16.94
N ASN B 530 -19.13 19.96 -16.15
CA ASN B 530 -18.22 18.89 -15.74
C ASN B 530 -17.73 18.12 -16.95
N LEU B 531 -16.54 17.55 -16.81
CA LEU B 531 -16.01 16.59 -17.75
C LEU B 531 -16.26 15.19 -17.22
N ILE B 532 -16.59 14.28 -18.12
CA ILE B 532 -16.94 12.91 -17.77
C ILE B 532 -15.99 12.00 -18.54
N ILE B 533 -16.08 10.71 -18.27
CA ILE B 533 -15.17 9.73 -18.83
C ILE B 533 -15.87 9.06 -20.01
N ASP B 534 -15.33 9.28 -21.21
CA ASP B 534 -15.88 8.74 -22.45
C ASP B 534 -15.48 7.27 -22.56
N LEU B 535 -16.40 6.38 -22.17
CA LEU B 535 -16.19 4.94 -22.17
C LEU B 535 -16.39 4.32 -23.55
N ASP B 536 -16.59 5.13 -24.60
CA ASP B 536 -16.56 4.67 -25.98
C ASP B 536 -15.18 4.94 -26.60
N ALA B 537 -14.84 4.14 -27.61
CA ALA B 537 -13.52 4.15 -28.25
C ALA B 537 -12.42 3.81 -27.25
MG MG C . 40.17 -21.08 -15.90
#